data_7SG0
#
_entry.id   7SG0
#
_cell.length_a   194.889
_cell.length_b   73.248
_cell.length_c   77.894
_cell.angle_alpha   90.000
_cell.angle_beta   95.230
_cell.angle_gamma   90.000
#
_symmetry.space_group_name_H-M   'C 1 2 1'
#
loop_
_entity.id
_entity.type
_entity.pdbx_description
1 polymer 'HLA class II histocompatibility antigen, DQ alpha 1 chain'
2 polymer 'MHC class II HLA-DQ-beta-1'
3 polymer 'DQ2-glia-omega1 peptide'
4 polymer 'T-cell receptor, w316, alpha chain'
5 polymer 'T-cell receptor, w316, beta chain'
6 non-polymer 2-acetamido-2-deoxy-beta-D-glucopyranose
7 non-polymer 1,2-ETHANEDIOL
#
loop_
_entity_poly.entity_id
_entity_poly.type
_entity_poly.pdbx_seq_one_letter_code
_entity_poly.pdbx_strand_id
1 'polypeptide(L)'
;EDIVADHVASYGVNLYQSYGPSGQYTHEFDGDEQFYVDLGRKETVWCLPVLRQFRFDPQFALTNIAVLKHNLNSLIKRSN
STAATNEVPEVTVFSKSPVTLGQPNILICLVDNIFPPVVNITWLSNGHSVTEGVSETSFLSKSDHSFFKISYLTLLPSAE
ESYDCKVEHWGLDKPLLKHWEPE
;
A
2 'polypeptide(L)'
;GSGGSIEGRGGSGASRDSPEDFVYQFKGMCYFTNGTERVRLVSRSIYNREEIVRFDSDVGEFRAVTLLGLPAAEYWNSQK
DILERKRAAVDRVCRHNYQLELRTTLQRRVEPTVTISPSRTEALNHHNLLVCSVTDFYPAQIKVRWFRNDQEETAGVVST
PLIRNGDWTFQILVMLEMTPQRGDVYTCHVEHPSLQSPITVEWRAQS
;
B
3 'polypeptide(L)' QPFPQPEQPFP C
4 'polypeptide(L)'
;HMNSVTQMEGPVTLSEEAFLTINCTYTATGYPSLFWYVQYPGEGLQLLLKATKADDKGSNKGFEATYRKETTSFHLEKGS
VQVSDSAVYFCALSGGTSYGKLTFGQGTILTVHPNIQNPDPAVYQLRDSKSSDKSVCLFTDFDSQTNVSQSKDSDVYITD
KCVLDMRSMDFKSNSAVAWSNKSDFACANAFNNSIIPEDTFFPSPESS
;
D
5 'polypeptide(L)'
;HMQTPSNKVTEKGKYVELRCDPISGHTALYWYRQSLGQGPEFLIYFQGTGAADDSGLPNDRFFAVRPEGSVSTLKIQRTE
RGDSAVYLCASSQGQDTEAFFGQGTRLTVVEDLNKVFPPEVAVFEPSEAEISHTQKATLVCLATGFFPDHVELSWWVNGK
EVHSGVCTDPQPLKEQPALNDSRYALSSRLRVSATFWQNPRNHFRCQVQFYGLSENDEWTQDRAKPVTQIVSAEAWGRAD
;
E
#
# COMPACT_ATOMS: atom_id res chain seq x y z
N ILE A 3 -31.09 -11.81 -10.57
CA ILE A 3 -31.01 -10.61 -11.39
C ILE A 3 -30.93 -11.01 -12.87
N VAL A 4 -31.76 -10.37 -13.69
CA VAL A 4 -31.80 -10.61 -15.12
C VAL A 4 -30.96 -9.56 -15.83
N ALA A 5 -30.16 -9.98 -16.81
CA ALA A 5 -29.31 -9.08 -17.55
C ALA A 5 -28.91 -9.75 -18.86
N ASP A 6 -28.38 -8.94 -19.79
CA ASP A 6 -27.91 -9.46 -21.06
C ASP A 6 -26.58 -10.20 -20.90
N HIS A 7 -25.65 -9.62 -20.14
CA HIS A 7 -24.36 -10.23 -19.90
C HIS A 7 -23.99 -10.05 -18.43
N VAL A 8 -23.37 -11.06 -17.85
CA VAL A 8 -22.90 -11.04 -16.47
C VAL A 8 -21.39 -11.24 -16.46
N ALA A 9 -20.70 -10.45 -15.65
CA ALA A 9 -19.25 -10.53 -15.54
C ALA A 9 -18.86 -10.52 -14.08
N SER A 10 -18.06 -11.49 -13.67
CA SER A 10 -17.49 -11.53 -12.33
C SER A 10 -16.07 -11.00 -12.44
N TYR A 11 -15.93 -9.67 -12.39
CA TYR A 11 -14.63 -9.02 -12.42
C TYR A 11 -13.94 -9.15 -11.06
N GLY A 12 -13.65 -10.39 -10.71
CA GLY A 12 -13.10 -10.72 -9.42
C GLY A 12 -13.81 -11.90 -8.80
N VAL A 13 -13.33 -13.11 -9.07
CA VAL A 13 -13.76 -14.31 -8.38
C VAL A 13 -12.61 -14.69 -7.44
N ASN A 14 -12.73 -14.26 -6.18
CA ASN A 14 -11.71 -14.51 -5.17
C ASN A 14 -12.11 -15.71 -4.33
N LEU A 15 -11.16 -16.59 -4.06
CA LEU A 15 -11.40 -17.81 -3.31
C LEU A 15 -10.25 -18.08 -2.36
N TYR A 16 -10.57 -18.35 -1.10
CA TYR A 16 -9.57 -18.76 -0.12
C TYR A 16 -10.22 -19.73 0.86
N GLN A 17 -9.55 -20.87 1.08
CA GLN A 17 -10.03 -21.89 1.98
C GLN A 17 -8.92 -22.31 2.93
N SER A 18 -9.31 -22.82 4.10
CA SER A 18 -8.35 -23.17 5.13
C SER A 18 -7.65 -24.50 4.86
N TYR A 19 -8.20 -25.34 3.99
CA TYR A 19 -7.61 -26.65 3.73
C TYR A 19 -6.34 -26.49 2.91
N GLY A 20 -5.19 -26.75 3.54
CA GLY A 20 -3.91 -26.66 2.88
C GLY A 20 -3.67 -25.30 2.25
N PRO A 21 -3.90 -24.22 3.04
CA PRO A 21 -4.08 -22.87 2.49
C PRO A 21 -4.11 -22.73 0.97
N SER A 22 -5.30 -22.87 0.38
CA SER A 22 -5.48 -22.79 -1.06
C SER A 22 -6.16 -21.47 -1.43
N GLY A 23 -5.81 -20.97 -2.61
CA GLY A 23 -6.38 -19.72 -3.10
C GLY A 23 -6.52 -19.74 -4.60
N GLN A 24 -7.39 -18.86 -5.10
CA GLN A 24 -7.66 -18.78 -6.53
C GLN A 24 -8.17 -17.39 -6.87
N TYR A 25 -7.70 -16.87 -8.00
CA TYR A 25 -8.15 -15.57 -8.50
C TYR A 25 -8.41 -15.69 -9.99
N THR A 26 -9.66 -15.48 -10.39
CA THR A 26 -10.05 -15.58 -11.80
C THR A 26 -10.99 -14.44 -12.14
N HIS A 27 -11.06 -14.12 -13.43
CA HIS A 27 -12.08 -13.24 -13.98
C HIS A 27 -12.98 -14.04 -14.92
N GLU A 28 -14.26 -13.75 -14.89
CA GLU A 28 -15.24 -14.48 -15.67
C GLU A 28 -16.12 -13.52 -16.46
N PHE A 29 -16.61 -14.00 -17.60
CA PHE A 29 -17.54 -13.23 -18.43
C PHE A 29 -18.46 -14.23 -19.13
N ASP A 30 -19.76 -14.13 -18.83
CA ASP A 30 -20.77 -15.02 -19.42
C ASP A 30 -20.46 -16.49 -19.12
N GLY A 31 -19.96 -16.76 -17.91
CA GLY A 31 -19.70 -18.11 -17.49
C GLY A 31 -18.40 -18.71 -17.97
N ASP A 32 -17.58 -17.95 -18.69
CA ASP A 32 -16.30 -18.44 -19.19
C ASP A 32 -15.16 -17.69 -18.50
N GLU A 33 -14.05 -18.41 -18.30
CA GLU A 33 -12.91 -17.87 -17.58
C GLU A 33 -12.05 -17.02 -18.51
N GLN A 34 -11.89 -15.74 -18.18
CA GLN A 34 -11.02 -14.87 -18.97
C GLN A 34 -9.56 -15.13 -18.68
N PHE A 35 -9.16 -15.10 -17.41
CA PHE A 35 -7.78 -15.35 -17.03
C PHE A 35 -7.75 -15.77 -15.57
N TYR A 36 -6.60 -16.32 -15.16
CA TYR A 36 -6.33 -16.64 -13.77
C TYR A 36 -4.90 -16.26 -13.45
N VAL A 37 -4.65 -15.93 -12.19
CA VAL A 37 -3.33 -15.53 -11.72
C VAL A 37 -2.71 -16.71 -10.99
N ASP A 38 -1.54 -17.14 -11.44
CA ASP A 38 -0.79 -18.21 -10.78
C ASP A 38 -0.21 -17.64 -9.49
N LEU A 39 -0.81 -17.99 -8.35
CA LEU A 39 -0.42 -17.40 -7.07
C LEU A 39 0.97 -17.84 -6.64
N GLY A 40 1.49 -18.94 -7.19
CA GLY A 40 2.82 -19.39 -6.86
C GLY A 40 3.91 -18.76 -7.71
N ARG A 41 3.64 -18.59 -9.00
CA ARG A 41 4.61 -18.04 -9.93
C ARG A 41 4.45 -16.54 -10.16
N LYS A 42 3.38 -15.93 -9.64
CA LYS A 42 3.13 -14.50 -9.77
C LYS A 42 3.10 -14.07 -11.23
N GLU A 43 2.22 -14.70 -12.00
CA GLU A 43 2.04 -14.36 -13.41
C GLU A 43 0.57 -14.54 -13.79
N THR A 44 0.12 -13.70 -14.70
CA THR A 44 -1.25 -13.75 -15.22
C THR A 44 -1.28 -14.64 -16.45
N VAL A 45 -2.18 -15.63 -16.44
CA VAL A 45 -2.30 -16.60 -17.52
C VAL A 45 -3.65 -16.36 -18.20
N TRP A 46 -3.60 -15.93 -19.46
CA TRP A 46 -4.82 -15.65 -20.22
C TRP A 46 -5.32 -16.92 -20.87
N CYS A 47 -6.62 -17.17 -20.75
CA CYS A 47 -7.24 -18.37 -21.28
C CYS A 47 -7.88 -18.16 -22.66
N LEU A 48 -7.71 -16.98 -23.25
CA LEU A 48 -8.21 -16.70 -24.59
C LEU A 48 -7.12 -15.91 -25.30
N PRO A 49 -6.72 -16.32 -26.51
CA PRO A 49 -5.58 -15.67 -27.16
C PRO A 49 -5.79 -14.19 -27.45
N VAL A 50 -7.02 -13.78 -27.77
CA VAL A 50 -7.27 -12.37 -28.07
C VAL A 50 -7.09 -11.49 -26.83
N LEU A 51 -7.08 -12.08 -25.63
CA LEU A 51 -6.95 -11.34 -24.40
C LEU A 51 -5.49 -11.13 -23.97
N ARG A 52 -4.53 -11.74 -24.67
CA ARG A 52 -3.13 -11.61 -24.28
C ARG A 52 -2.57 -10.21 -24.52
N GLN A 53 -3.30 -9.35 -25.24
CA GLN A 53 -2.85 -7.98 -25.45
C GLN A 53 -2.92 -7.13 -24.20
N PHE A 54 -3.68 -7.57 -23.18
CA PHE A 54 -3.85 -6.82 -21.95
C PHE A 54 -2.78 -7.23 -20.94
N ARG A 55 -2.69 -6.46 -19.85
CA ARG A 55 -1.74 -6.73 -18.79
C ARG A 55 -2.43 -6.53 -17.45
N PHE A 56 -2.37 -7.54 -16.59
CA PHE A 56 -3.01 -7.52 -15.28
C PHE A 56 -1.95 -7.84 -14.23
N ASP A 57 -1.71 -6.89 -13.32
CA ASP A 57 -0.68 -7.05 -12.30
C ASP A 57 -1.02 -8.21 -11.38
N PRO A 58 -0.22 -9.28 -11.36
CA PRO A 58 -0.52 -10.42 -10.49
C PRO A 58 -0.41 -10.12 -9.01
N GLN A 59 0.25 -9.01 -8.63
CA GLN A 59 0.37 -8.67 -7.21
C GLN A 59 -0.99 -8.33 -6.61
N PHE A 60 -1.91 -7.79 -7.41
CA PHE A 60 -3.24 -7.48 -6.90
C PHE A 60 -3.93 -8.75 -6.40
N ALA A 61 -3.87 -9.82 -7.19
CA ALA A 61 -4.48 -11.07 -6.78
C ALA A 61 -3.87 -11.59 -5.49
N LEU A 62 -2.56 -11.45 -5.34
CA LEU A 62 -1.89 -11.90 -4.11
C LEU A 62 -2.39 -11.11 -2.91
N THR A 63 -2.45 -9.79 -3.02
CA THR A 63 -2.88 -8.96 -1.91
C THR A 63 -4.36 -9.19 -1.60
N ASN A 64 -5.18 -9.35 -2.64
CA ASN A 64 -6.62 -9.52 -2.43
C ASN A 64 -6.90 -10.83 -1.68
N ILE A 65 -6.24 -11.91 -2.07
CA ILE A 65 -6.41 -13.18 -1.38
C ILE A 65 -5.98 -13.06 0.08
N ALA A 66 -4.96 -12.24 0.35
CA ALA A 66 -4.54 -12.01 1.73
C ALA A 66 -5.60 -11.28 2.53
N VAL A 67 -6.38 -10.40 1.89
CA VAL A 67 -7.48 -9.74 2.59
C VAL A 67 -8.58 -10.75 2.89
N LEU A 68 -8.82 -11.69 1.98
CA LEU A 68 -9.77 -12.75 2.25
C LEU A 68 -9.30 -13.63 3.41
N LYS A 69 -8.00 -13.88 3.48
CA LYS A 69 -7.45 -14.67 4.58
C LYS A 69 -7.69 -13.99 5.92
N HIS A 70 -7.58 -12.66 5.95
CA HIS A 70 -7.83 -11.92 7.19
C HIS A 70 -9.32 -11.96 7.56
N ASN A 71 -10.20 -11.78 6.57
CA ASN A 71 -11.63 -11.81 6.85
C ASN A 71 -12.09 -13.20 7.28
N LEU A 72 -11.54 -14.25 6.66
CA LEU A 72 -11.94 -15.60 7.01
C LEU A 72 -11.53 -15.96 8.43
N ASN A 73 -10.34 -15.52 8.85
CA ASN A 73 -9.90 -15.78 10.22
C ASN A 73 -10.77 -15.06 11.24
N SER A 74 -11.39 -13.95 10.85
CA SER A 74 -12.30 -13.27 11.76
C SER A 74 -13.61 -14.03 11.91
N LEU A 75 -14.14 -14.55 10.81
CA LEU A 75 -15.40 -15.29 10.88
C LEU A 75 -15.22 -16.66 11.53
N ILE A 76 -14.03 -17.24 11.44
CA ILE A 76 -13.77 -18.50 12.12
C ILE A 76 -13.93 -18.34 13.63
N LYS A 77 -13.53 -17.18 14.17
CA LYS A 77 -13.71 -16.90 15.58
C LYS A 77 -15.15 -16.52 15.88
N ARG A 78 -15.75 -15.64 15.07
CA ARG A 78 -17.06 -15.09 15.39
C ARG A 78 -18.16 -16.12 15.18
N SER A 79 -18.09 -16.90 14.10
CA SER A 79 -19.14 -17.88 13.79
C SER A 79 -19.02 -19.16 14.62
N ASN A 80 -18.17 -19.17 15.63
CA ASN A 80 -17.99 -20.33 16.52
C ASN A 80 -17.59 -21.57 15.72
N SER A 81 -16.79 -21.36 14.67
CA SER A 81 -16.22 -22.44 13.85
C SER A 81 -17.32 -23.31 13.24
N THR A 82 -18.03 -22.72 12.28
CA THR A 82 -19.00 -23.43 11.47
C THR A 82 -18.35 -23.76 10.13
N ALA A 83 -18.05 -25.04 9.92
CA ALA A 83 -17.30 -25.46 8.74
C ALA A 83 -18.22 -25.66 7.55
N ALA A 84 -17.61 -25.83 6.38
CA ALA A 84 -18.37 -26.01 5.15
C ALA A 84 -19.00 -27.39 5.10
N THR A 85 -20.14 -27.47 4.42
CA THR A 85 -20.86 -28.73 4.23
C THR A 85 -20.52 -29.32 2.87
N ASN A 86 -20.26 -30.62 2.84
CA ASN A 86 -19.89 -31.29 1.61
C ASN A 86 -21.12 -31.51 0.72
N GLU A 87 -20.89 -31.49 -0.58
CA GLU A 87 -21.93 -31.65 -1.59
C GLU A 87 -21.65 -32.89 -2.43
N VAL A 88 -22.70 -33.38 -3.08
CA VAL A 88 -22.61 -34.55 -3.96
C VAL A 88 -22.44 -34.04 -5.39
N PRO A 89 -21.26 -34.16 -6.00
CA PRO A 89 -21.07 -33.63 -7.35
C PRO A 89 -21.61 -34.57 -8.43
N GLU A 90 -22.01 -33.97 -9.54
CA GLU A 90 -22.46 -34.70 -10.71
C GLU A 90 -21.38 -34.66 -11.79
N VAL A 91 -21.16 -35.80 -12.44
CA VAL A 91 -20.09 -35.96 -13.42
C VAL A 91 -20.69 -36.37 -14.75
N THR A 92 -20.14 -35.81 -15.84
CA THR A 92 -20.57 -36.13 -17.19
C THR A 92 -19.35 -36.10 -18.11
N VAL A 93 -19.26 -37.08 -19.01
CA VAL A 93 -18.15 -37.21 -19.94
C VAL A 93 -18.69 -37.22 -21.36
N PHE A 94 -18.07 -36.42 -22.23
CA PHE A 94 -18.50 -36.31 -23.62
C PHE A 94 -17.34 -35.80 -24.45
N SER A 95 -17.52 -35.82 -25.77
CA SER A 95 -16.51 -35.38 -26.71
C SER A 95 -16.82 -33.98 -27.23
N LYS A 96 -15.77 -33.28 -27.65
CA LYS A 96 -15.93 -31.91 -28.15
C LYS A 96 -16.46 -31.90 -29.58
N SER A 97 -16.05 -32.85 -30.40
CA SER A 97 -16.47 -32.98 -31.79
C SER A 97 -17.02 -34.38 -32.03
N PRO A 98 -17.77 -34.57 -33.11
CA PRO A 98 -18.26 -35.92 -33.43
C PRO A 98 -17.10 -36.90 -33.59
N VAL A 99 -17.35 -38.14 -33.16
CA VAL A 99 -16.29 -39.15 -33.08
C VAL A 99 -16.10 -39.80 -34.44
N THR A 100 -14.89 -39.65 -34.99
CA THR A 100 -14.45 -40.41 -36.16
C THR A 100 -13.10 -41.03 -35.85
N LEU A 101 -12.95 -42.31 -36.16
CA LEU A 101 -11.75 -43.04 -35.77
C LEU A 101 -10.52 -42.47 -36.46
N GLY A 102 -9.48 -42.19 -35.67
CA GLY A 102 -8.22 -41.68 -36.18
C GLY A 102 -8.08 -40.17 -36.18
N GLN A 103 -9.19 -39.45 -36.11
CA GLN A 103 -9.16 -37.98 -36.15
C GLN A 103 -8.93 -37.41 -34.76
N PRO A 104 -8.07 -36.40 -34.65
CA PRO A 104 -7.83 -35.79 -33.33
C PRO A 104 -9.11 -35.27 -32.70
N ASN A 105 -9.27 -35.54 -31.40
CA ASN A 105 -10.45 -35.13 -30.66
C ASN A 105 -10.05 -34.88 -29.21
N ILE A 106 -11.00 -34.37 -28.44
CA ILE A 106 -10.79 -34.04 -27.02
C ILE A 106 -11.96 -34.58 -26.21
N LEU A 107 -11.65 -35.26 -25.11
CA LEU A 107 -12.68 -35.69 -24.17
C LEU A 107 -12.87 -34.63 -23.09
N ILE A 108 -14.12 -34.41 -22.70
CA ILE A 108 -14.49 -33.36 -21.76
C ILE A 108 -15.22 -34.00 -20.58
N CYS A 109 -14.64 -33.86 -19.39
CA CYS A 109 -15.24 -34.37 -18.15
C CYS A 109 -15.68 -33.17 -17.32
N LEU A 110 -16.99 -33.04 -17.13
CA LEU A 110 -17.57 -31.93 -16.40
C LEU A 110 -17.97 -32.40 -15.00
N VAL A 111 -17.43 -31.74 -13.98
CA VAL A 111 -17.71 -32.05 -12.59
C VAL A 111 -18.47 -30.87 -12.02
N ASP A 112 -19.78 -31.01 -11.85
CA ASP A 112 -20.64 -29.92 -11.43
C ASP A 112 -21.04 -30.06 -9.96
N ASN A 113 -21.47 -28.94 -9.38
CA ASN A 113 -21.91 -28.86 -7.99
C ASN A 113 -20.79 -29.30 -7.04
N ILE A 114 -19.67 -28.59 -7.13
CA ILE A 114 -18.49 -28.87 -6.33
C ILE A 114 -18.47 -27.95 -5.12
N PHE A 115 -18.46 -28.53 -3.92
CA PHE A 115 -18.20 -27.77 -2.70
C PHE A 115 -17.89 -28.73 -1.56
N PRO A 116 -16.78 -28.53 -0.83
CA PRO A 116 -15.79 -27.46 -1.01
C PRO A 116 -14.95 -27.62 -2.28
N PRO A 117 -14.31 -26.53 -2.74
CA PRO A 117 -13.49 -26.63 -3.96
C PRO A 117 -12.21 -27.43 -3.76
N VAL A 118 -12.36 -28.72 -3.46
CA VAL A 118 -11.24 -29.66 -3.34
C VAL A 118 -11.65 -30.92 -4.07
N VAL A 119 -11.01 -31.21 -5.19
CA VAL A 119 -11.39 -32.37 -6.01
C VAL A 119 -10.15 -32.88 -6.73
N ASN A 120 -10.12 -34.21 -6.92
CA ASN A 120 -9.10 -34.88 -7.74
C ASN A 120 -9.79 -35.41 -8.99
N ILE A 121 -9.26 -35.05 -10.15
CA ILE A 121 -9.82 -35.48 -11.44
C ILE A 121 -8.70 -36.12 -12.25
N THR A 122 -8.86 -37.41 -12.55
CA THR A 122 -7.88 -38.15 -13.34
C THR A 122 -8.59 -38.91 -14.45
N TRP A 123 -7.80 -39.36 -15.43
CA TRP A 123 -8.29 -40.12 -16.56
C TRP A 123 -7.72 -41.52 -16.55
N LEU A 124 -8.53 -42.48 -16.99
CA LEU A 124 -8.16 -43.88 -17.03
C LEU A 124 -8.40 -44.44 -18.42
N SER A 125 -7.44 -45.19 -18.95
CA SER A 125 -7.57 -45.86 -20.24
C SER A 125 -7.42 -47.36 -20.01
N ASN A 126 -8.55 -48.08 -20.13
CA ASN A 126 -8.59 -49.53 -19.96
C ASN A 126 -8.06 -49.96 -18.60
N GLY A 127 -8.28 -49.12 -17.57
CA GLY A 127 -7.89 -49.41 -16.22
C GLY A 127 -6.62 -48.72 -15.75
N HIS A 128 -5.73 -48.37 -16.68
CA HIS A 128 -4.47 -47.73 -16.33
C HIS A 128 -4.60 -46.21 -16.35
N SER A 129 -3.78 -45.55 -15.54
CA SER A 129 -3.85 -44.10 -15.43
C SER A 129 -3.26 -43.43 -16.66
N VAL A 130 -3.77 -42.23 -16.96
CA VAL A 130 -3.31 -41.42 -18.08
C VAL A 130 -2.89 -40.06 -17.56
N THR A 131 -1.66 -39.67 -17.86
CA THR A 131 -1.12 -38.39 -17.43
C THR A 131 -0.85 -37.44 -18.58
N GLU A 132 -0.39 -37.95 -19.72
CA GLU A 132 -0.04 -37.10 -20.85
C GLU A 132 -1.29 -36.63 -21.59
N GLY A 133 -1.29 -35.35 -21.97
CA GLY A 133 -2.41 -34.79 -22.70
C GLY A 133 -3.61 -34.42 -21.85
N VAL A 134 -3.41 -34.19 -20.55
CA VAL A 134 -4.49 -33.88 -19.63
C VAL A 134 -4.39 -32.42 -19.22
N SER A 135 -5.53 -31.74 -19.22
CA SER A 135 -5.59 -30.34 -18.80
C SER A 135 -6.96 -30.08 -18.18
N GLU A 136 -7.04 -29.00 -17.41
CA GLU A 136 -8.29 -28.64 -16.76
C GLU A 136 -8.37 -27.12 -16.61
N THR A 137 -9.56 -26.65 -16.27
CA THR A 137 -9.79 -25.24 -16.02
C THR A 137 -9.59 -24.96 -14.52
N SER A 138 -10.04 -23.80 -14.06
CA SER A 138 -10.04 -23.48 -12.64
C SER A 138 -11.38 -23.89 -12.05
N PHE A 139 -11.67 -23.40 -10.85
CA PHE A 139 -12.99 -23.61 -10.23
C PHE A 139 -13.91 -22.50 -10.70
N LEU A 140 -14.73 -22.80 -11.71
CA LEU A 140 -15.67 -21.81 -12.23
C LEU A 140 -16.86 -21.66 -11.30
N SER A 141 -17.27 -20.43 -11.07
CA SER A 141 -18.24 -20.09 -10.04
C SER A 141 -19.67 -20.24 -10.56
N LYS A 142 -20.58 -20.48 -9.62
CA LYS A 142 -22.01 -20.56 -9.89
C LYS A 142 -22.75 -19.61 -8.96
N SER A 143 -23.99 -19.28 -9.34
CA SER A 143 -24.82 -18.43 -8.47
C SER A 143 -25.23 -19.16 -7.20
N ASP A 144 -25.17 -20.50 -7.19
CA ASP A 144 -25.40 -21.28 -5.99
C ASP A 144 -24.25 -21.16 -4.99
N HIS A 145 -23.21 -20.40 -5.33
CA HIS A 145 -21.99 -20.23 -4.55
C HIS A 145 -21.18 -21.51 -4.46
N SER A 146 -21.50 -22.52 -5.27
CA SER A 146 -20.66 -23.70 -5.42
C SER A 146 -19.76 -23.48 -6.64
N PHE A 147 -19.17 -24.55 -7.18
CA PHE A 147 -18.25 -24.43 -8.29
C PHE A 147 -18.46 -25.59 -9.25
N PHE A 148 -17.73 -25.54 -10.37
CA PHE A 148 -17.68 -26.65 -11.31
C PHE A 148 -16.38 -26.55 -12.10
N LYS A 149 -15.73 -27.69 -12.31
CA LYS A 149 -14.46 -27.78 -13.01
C LYS A 149 -14.58 -28.73 -14.20
N ILE A 150 -13.84 -28.41 -15.26
CA ILE A 150 -13.85 -29.19 -16.50
C ILE A 150 -12.43 -29.67 -16.79
N SER A 151 -12.28 -30.96 -17.05
CA SER A 151 -10.99 -31.55 -17.39
C SER A 151 -11.02 -32.05 -18.83
N TYR A 152 -9.90 -31.88 -19.53
CA TYR A 152 -9.78 -32.23 -20.94
C TYR A 152 -8.74 -33.32 -21.13
N LEU A 153 -8.89 -34.05 -22.23
CA LEU A 153 -7.95 -35.12 -22.59
C LEU A 153 -7.94 -35.25 -24.10
N THR A 154 -6.82 -34.90 -24.72
CA THR A 154 -6.64 -35.09 -26.15
C THR A 154 -6.33 -36.55 -26.45
N LEU A 155 -6.82 -37.03 -27.59
CA LEU A 155 -6.67 -38.44 -27.93
C LEU A 155 -6.89 -38.64 -29.43
N LEU A 156 -6.53 -39.83 -29.88
CA LEU A 156 -6.89 -40.31 -31.23
C LEU A 156 -7.79 -41.53 -31.04
N PRO A 157 -9.11 -41.37 -31.15
CA PRO A 157 -10.02 -42.47 -30.79
C PRO A 157 -9.88 -43.65 -31.73
N SER A 158 -9.87 -44.84 -31.13
CA SER A 158 -9.82 -46.10 -31.87
C SER A 158 -10.82 -47.07 -31.26
N ALA A 159 -11.01 -48.20 -31.94
CA ALA A 159 -11.97 -49.20 -31.50
C ALA A 159 -11.44 -50.12 -30.41
N GLU A 160 -10.22 -49.88 -29.91
CA GLU A 160 -9.61 -50.74 -28.90
C GLU A 160 -9.38 -50.05 -27.57
N GLU A 161 -9.74 -48.77 -27.44
CA GLU A 161 -9.45 -48.02 -26.23
C GLU A 161 -10.71 -47.35 -25.71
N SER A 162 -11.12 -47.72 -24.50
CA SER A 162 -12.16 -47.02 -23.76
C SER A 162 -11.53 -46.15 -22.68
N TYR A 163 -12.32 -45.20 -22.16
CA TYR A 163 -11.77 -44.22 -21.24
C TYR A 163 -12.73 -43.98 -20.08
N ASP A 164 -12.16 -43.58 -18.95
CA ASP A 164 -12.91 -43.29 -17.73
C ASP A 164 -12.44 -41.96 -17.14
N CYS A 165 -13.36 -41.29 -16.45
CA CYS A 165 -13.06 -40.09 -15.68
C CYS A 165 -13.25 -40.42 -14.21
N LYS A 166 -12.17 -40.33 -13.44
CA LYS A 166 -12.19 -40.68 -12.02
C LYS A 166 -12.25 -39.40 -11.18
N VAL A 167 -13.31 -39.25 -10.41
CA VAL A 167 -13.56 -38.06 -9.62
C VAL A 167 -13.54 -38.45 -8.14
N GLU A 168 -12.72 -37.76 -7.36
CA GLU A 168 -12.61 -37.99 -5.92
C GLU A 168 -13.03 -36.73 -5.18
N HIS A 169 -14.00 -36.86 -4.28
CA HIS A 169 -14.52 -35.73 -3.55
C HIS A 169 -15.02 -36.20 -2.18
N TRP A 170 -14.94 -35.30 -1.20
CA TRP A 170 -15.37 -35.63 0.16
C TRP A 170 -16.86 -35.93 0.24
N GLY A 171 -17.66 -35.44 -0.71
CA GLY A 171 -19.07 -35.74 -0.74
C GLY A 171 -19.44 -37.06 -1.37
N LEU A 172 -18.46 -37.85 -1.79
CA LEU A 172 -18.67 -39.16 -2.39
C LEU A 172 -18.20 -40.25 -1.44
N ASP A 173 -19.01 -41.30 -1.30
CA ASP A 173 -18.62 -42.43 -0.47
C ASP A 173 -17.50 -43.25 -1.11
N LYS A 174 -17.34 -43.15 -2.43
CA LYS A 174 -16.29 -43.86 -3.15
C LYS A 174 -16.00 -43.09 -4.43
N PRO A 175 -14.81 -43.27 -5.01
CA PRO A 175 -14.49 -42.54 -6.26
C PRO A 175 -15.51 -42.83 -7.35
N LEU A 176 -15.93 -41.76 -8.02
CA LEU A 176 -16.93 -41.84 -9.08
C LEU A 176 -16.23 -42.01 -10.42
N LEU A 177 -16.65 -43.01 -11.19
CA LEU A 177 -16.11 -43.28 -12.51
C LEU A 177 -17.21 -43.12 -13.55
N LYS A 178 -16.92 -42.40 -14.62
CA LYS A 178 -17.84 -42.21 -15.73
C LYS A 178 -17.17 -42.71 -17.00
N HIS A 179 -17.90 -43.52 -17.77
CA HIS A 179 -17.33 -44.24 -18.91
C HIS A 179 -17.57 -43.48 -20.21
N TRP A 180 -16.76 -43.83 -21.22
CA TRP A 180 -16.91 -43.28 -22.56
C TRP A 180 -16.29 -44.25 -23.55
N GLU A 181 -16.97 -44.47 -24.67
CA GLU A 181 -16.53 -45.33 -25.75
C GLU A 181 -16.95 -44.75 -27.08
N PRO A 182 -16.14 -44.96 -28.14
CA PRO A 182 -16.48 -44.46 -29.48
C PRO A 182 -17.71 -45.14 -30.07
N SER B 18 -13.58 -36.97 7.15
CA SER B 18 -13.33 -35.91 6.18
C SER B 18 -12.74 -34.68 6.86
N PRO B 19 -11.69 -34.12 6.25
CA PRO B 19 -11.10 -32.89 6.82
C PRO B 19 -12.07 -31.73 6.75
N GLU B 20 -12.07 -30.92 7.80
CA GLU B 20 -12.93 -29.74 7.84
C GLU B 20 -12.32 -28.61 7.03
N ASP B 21 -13.19 -27.80 6.43
CA ASP B 21 -12.76 -26.73 5.55
C ASP B 21 -13.58 -25.48 5.83
N PHE B 22 -12.90 -24.33 5.85
CA PHE B 22 -13.54 -23.03 6.01
C PHE B 22 -13.27 -22.23 4.74
N VAL B 23 -14.34 -21.91 4.01
CA VAL B 23 -14.23 -21.28 2.70
C VAL B 23 -14.73 -19.85 2.77
N TYR B 24 -14.04 -18.95 2.07
CA TYR B 24 -14.44 -17.55 1.95
C TYR B 24 -14.36 -17.15 0.49
N GLN B 25 -15.39 -16.46 0.01
CA GLN B 25 -15.46 -16.03 -1.38
C GLN B 25 -15.83 -14.56 -1.45
N PHE B 26 -15.33 -13.90 -2.50
CA PHE B 26 -15.67 -12.51 -2.78
C PHE B 26 -15.89 -12.36 -4.27
N LYS B 27 -17.09 -11.96 -4.67
CA LYS B 27 -17.47 -11.83 -6.07
C LYS B 27 -17.82 -10.39 -6.36
N GLY B 28 -17.02 -9.73 -7.19
CA GLY B 28 -17.34 -8.40 -7.67
C GLY B 28 -17.98 -8.45 -9.03
N MET B 29 -19.30 -8.44 -9.08
CA MET B 29 -20.05 -8.75 -10.30
C MET B 29 -20.60 -7.49 -10.95
N CYS B 30 -20.71 -7.54 -12.28
CA CYS B 30 -21.31 -6.49 -13.08
C CYS B 30 -22.39 -7.09 -13.96
N TYR B 31 -23.54 -6.43 -14.03
CA TYR B 31 -24.66 -6.88 -14.85
C TYR B 31 -24.95 -5.83 -15.90
N PHE B 32 -24.98 -6.25 -17.17
CA PHE B 32 -25.14 -5.35 -18.30
C PHE B 32 -26.42 -5.69 -19.05
N THR B 33 -27.21 -4.67 -19.36
CA THR B 33 -28.43 -4.81 -20.14
C THR B 33 -28.54 -3.64 -21.09
N ASN B 34 -28.90 -3.92 -22.34
CA ASN B 34 -28.88 -2.93 -23.42
C ASN B 34 -27.50 -2.32 -23.59
N GLY B 35 -26.46 -3.13 -23.39
CA GLY B 35 -25.09 -2.63 -23.44
C GLY B 35 -24.71 -1.86 -22.19
N THR B 36 -24.51 -0.55 -22.34
CA THR B 36 -24.16 0.31 -21.22
C THR B 36 -25.35 1.15 -20.74
N GLU B 37 -26.52 1.01 -21.36
CA GLU B 37 -27.69 1.75 -20.93
C GLU B 37 -28.04 1.42 -19.48
N ARG B 38 -28.00 0.14 -19.12
CA ARG B 38 -28.36 -0.31 -17.78
C ARG B 38 -27.19 -1.14 -17.24
N VAL B 39 -26.52 -0.62 -16.21
CA VAL B 39 -25.38 -1.28 -15.59
C VAL B 39 -25.62 -1.35 -14.08
N ARG B 40 -25.39 -2.53 -13.50
CA ARG B 40 -25.62 -2.77 -12.09
C ARG B 40 -24.42 -3.52 -11.50
N LEU B 41 -23.96 -3.07 -10.34
CA LEU B 41 -22.81 -3.67 -9.66
C LEU B 41 -23.27 -4.27 -8.33
N VAL B 42 -22.84 -5.50 -8.06
CA VAL B 42 -23.16 -6.18 -6.80
C VAL B 42 -21.91 -6.86 -6.29
N SER B 43 -21.42 -6.42 -5.13
CA SER B 43 -20.31 -7.09 -4.45
C SER B 43 -20.86 -8.07 -3.42
N ARG B 44 -20.29 -9.27 -3.39
CA ARG B 44 -20.78 -10.34 -2.55
C ARG B 44 -19.65 -10.90 -1.70
N SER B 45 -19.81 -10.83 -0.38
CA SER B 45 -18.91 -11.49 0.55
C SER B 45 -19.62 -12.72 1.10
N ILE B 46 -19.00 -13.89 0.91
CA ILE B 46 -19.65 -15.17 1.17
C ILE B 46 -18.80 -15.97 2.14
N TYR B 47 -19.43 -16.43 3.22
CA TYR B 47 -18.82 -17.36 4.16
C TYR B 47 -19.35 -18.76 3.87
N ASN B 48 -18.46 -19.67 3.48
CA ASN B 48 -18.83 -20.98 2.98
C ASN B 48 -19.75 -20.84 1.76
N ARG B 49 -21.06 -20.91 1.98
CA ARG B 49 -22.03 -20.72 0.91
C ARG B 49 -23.12 -19.72 1.27
N GLU B 50 -22.93 -18.94 2.32
CA GLU B 50 -23.92 -17.96 2.77
C GLU B 50 -23.36 -16.56 2.56
N GLU B 51 -23.99 -15.81 1.66
CA GLU B 51 -23.62 -14.41 1.45
C GLU B 51 -23.96 -13.62 2.71
N ILE B 52 -22.96 -12.94 3.28
CA ILE B 52 -23.11 -12.26 4.56
C ILE B 52 -23.18 -10.74 4.38
N VAL B 53 -22.40 -10.18 3.46
CA VAL B 53 -22.37 -8.74 3.23
C VAL B 53 -22.46 -8.49 1.73
N ARG B 54 -23.26 -7.50 1.34
CA ARG B 54 -23.52 -7.21 -0.06
C ARG B 54 -23.57 -5.70 -0.27
N PHE B 55 -22.93 -5.23 -1.33
CA PHE B 55 -23.06 -3.85 -1.78
C PHE B 55 -23.77 -3.86 -3.13
N ASP B 56 -25.00 -3.37 -3.15
CA ASP B 56 -25.78 -3.25 -4.37
C ASP B 56 -25.74 -1.80 -4.85
N SER B 57 -25.43 -1.61 -6.13
CA SER B 57 -25.29 -0.25 -6.66
C SER B 57 -26.62 0.49 -6.65
N ASP B 58 -27.74 -0.24 -6.74
CA ASP B 58 -29.05 0.40 -6.67
C ASP B 58 -29.43 0.79 -5.25
N VAL B 59 -28.77 0.21 -4.25
CA VAL B 59 -29.03 0.58 -2.86
C VAL B 59 -28.17 1.75 -2.43
N GLY B 60 -26.88 1.72 -2.75
CA GLY B 60 -25.97 2.81 -2.47
C GLY B 60 -25.11 2.62 -1.23
N GLU B 61 -25.33 1.57 -0.46
CA GLU B 61 -24.53 1.31 0.73
C GLU B 61 -24.54 -0.18 1.02
N PHE B 62 -23.67 -0.59 1.93
CA PHE B 62 -23.55 -2.00 2.29
C PHE B 62 -24.81 -2.47 3.02
N ARG B 63 -25.18 -3.72 2.78
CA ARG B 63 -26.34 -4.34 3.43
C ARG B 63 -25.94 -5.71 3.96
N ALA B 64 -26.21 -5.94 5.24
CA ALA B 64 -25.91 -7.23 5.86
C ALA B 64 -26.99 -8.23 5.46
N VAL B 65 -26.61 -9.25 4.71
CA VAL B 65 -27.57 -10.25 4.28
C VAL B 65 -27.93 -11.19 5.43
N THR B 66 -26.98 -11.48 6.31
CA THR B 66 -27.23 -12.26 7.51
C THR B 66 -26.68 -11.52 8.72
N LEU B 67 -27.07 -11.97 9.91
CA LEU B 67 -26.62 -11.31 11.13
C LEU B 67 -25.11 -11.39 11.31
N LEU B 68 -24.48 -12.41 10.72
CA LEU B 68 -23.03 -12.57 10.85
C LEU B 68 -22.26 -11.42 10.21
N GLY B 69 -22.86 -10.72 9.25
CA GLY B 69 -22.17 -9.63 8.57
C GLY B 69 -22.60 -8.25 9.01
N LEU B 70 -23.28 -8.16 10.16
CA LEU B 70 -23.73 -6.86 10.64
C LEU B 70 -22.58 -5.96 11.05
N PRO B 71 -21.61 -6.38 11.87
CA PRO B 71 -20.52 -5.47 12.25
C PRO B 71 -19.69 -5.00 11.07
N ALA B 72 -19.58 -5.81 10.02
CA ALA B 72 -18.82 -5.40 8.85
C ALA B 72 -19.57 -4.34 8.05
N ALA B 73 -20.87 -4.57 7.81
CA ALA B 73 -21.64 -3.60 7.03
C ALA B 73 -21.83 -2.30 7.79
N GLU B 74 -22.00 -2.37 9.12
CA GLU B 74 -22.21 -1.16 9.90
C GLU B 74 -20.98 -0.28 9.91
N TYR B 75 -19.79 -0.87 10.04
CA TYR B 75 -18.57 -0.08 10.04
C TYR B 75 -18.26 0.49 8.66
N TRP B 76 -18.47 -0.31 7.62
CA TRP B 76 -18.14 0.15 6.27
C TRP B 76 -19.03 1.30 5.84
N ASN B 77 -20.27 1.35 6.31
CA ASN B 77 -21.16 2.47 6.01
C ASN B 77 -20.82 3.71 6.81
N SER B 78 -19.93 3.62 7.79
CA SER B 78 -19.52 4.77 8.58
C SER B 78 -18.25 5.42 8.05
N GLN B 79 -17.66 4.88 6.98
CA GLN B 79 -16.46 5.44 6.36
C GLN B 79 -16.89 6.06 5.03
N LYS B 80 -16.90 7.40 4.98
CA LYS B 80 -17.37 8.09 3.78
C LYS B 80 -16.48 7.81 2.58
N ASP B 81 -15.20 7.53 2.80
CA ASP B 81 -14.30 7.27 1.69
C ASP B 81 -14.49 5.87 1.11
N ILE B 82 -14.94 4.91 1.93
CA ILE B 82 -15.22 3.57 1.42
C ILE B 82 -16.46 3.59 0.53
N LEU B 83 -17.53 4.24 1.01
CA LEU B 83 -18.75 4.32 0.21
C LEU B 83 -18.55 5.09 -1.08
N GLU B 84 -17.67 6.10 -1.06
CA GLU B 84 -17.42 6.86 -2.28
C GLU B 84 -16.74 6.00 -3.34
N ARG B 85 -15.75 5.20 -2.93
CA ARG B 85 -15.08 4.33 -3.89
C ARG B 85 -16.01 3.22 -4.39
N LYS B 86 -16.89 2.73 -3.52
CA LYS B 86 -17.80 1.66 -3.91
C LYS B 86 -18.93 2.17 -4.81
N ARG B 87 -19.37 3.41 -4.63
CA ARG B 87 -20.45 3.95 -5.47
C ARG B 87 -19.94 4.28 -6.87
N ALA B 88 -18.70 4.74 -6.98
CA ALA B 88 -18.13 5.07 -8.28
C ALA B 88 -17.66 3.86 -9.05
N ALA B 89 -17.76 2.65 -8.47
CA ALA B 89 -17.26 1.45 -9.13
C ALA B 89 -18.11 1.06 -10.33
N VAL B 90 -19.36 1.53 -10.42
CA VAL B 90 -20.19 1.23 -11.57
C VAL B 90 -19.59 1.82 -12.84
N ASP B 91 -19.06 3.04 -12.74
CA ASP B 91 -18.45 3.71 -13.89
C ASP B 91 -16.97 3.38 -14.04
N ARG B 92 -16.26 3.17 -12.93
CA ARG B 92 -14.83 2.96 -12.97
C ARG B 92 -14.43 1.51 -13.21
N VAL B 93 -15.32 0.56 -12.94
CA VAL B 93 -14.99 -0.85 -13.10
C VAL B 93 -15.87 -1.49 -14.16
N CYS B 94 -17.20 -1.45 -13.95
CA CYS B 94 -18.11 -2.14 -14.85
C CYS B 94 -18.13 -1.48 -16.23
N ARG B 95 -18.39 -0.17 -16.28
CA ARG B 95 -18.46 0.52 -17.56
C ARG B 95 -17.10 0.62 -18.23
N HIS B 96 -16.02 0.68 -17.44
CA HIS B 96 -14.69 0.75 -18.03
C HIS B 96 -14.30 -0.57 -18.68
N ASN B 97 -14.56 -1.70 -17.99
CA ASN B 97 -14.19 -3.00 -18.55
C ASN B 97 -15.09 -3.38 -19.73
N TYR B 98 -16.32 -2.86 -19.78
CA TYR B 98 -17.21 -3.19 -20.89
C TYR B 98 -16.65 -2.66 -22.21
N GLN B 99 -15.86 -1.58 -22.16
CA GLN B 99 -15.22 -1.07 -23.38
C GLN B 99 -14.23 -2.09 -23.92
N LEU B 100 -13.54 -2.82 -23.04
CA LEU B 100 -12.62 -3.85 -23.49
C LEU B 100 -13.36 -5.08 -23.99
N GLU B 101 -14.52 -5.38 -23.41
CA GLU B 101 -15.31 -6.51 -23.88
C GLU B 101 -15.87 -6.28 -25.27
N LEU B 102 -16.06 -5.02 -25.65
CA LEU B 102 -16.62 -4.70 -26.97
C LEU B 102 -15.69 -5.10 -28.11
N ARG B 103 -14.41 -5.29 -27.84
CA ARG B 103 -13.44 -5.65 -28.87
C ARG B 103 -12.70 -6.94 -28.57
N THR B 104 -13.27 -7.79 -27.72
CA THR B 104 -12.68 -9.09 -27.43
C THR B 104 -13.74 -10.18 -27.33
N THR B 105 -14.37 -10.31 -26.15
CA THR B 105 -15.30 -11.40 -25.91
C THR B 105 -16.58 -11.24 -26.71
N LEU B 106 -17.10 -10.00 -26.79
CA LEU B 106 -18.35 -9.79 -27.50
C LEU B 106 -18.18 -9.99 -29.01
N GLN B 107 -17.02 -9.66 -29.55
CA GLN B 107 -16.78 -9.83 -30.98
C GLN B 107 -16.62 -11.29 -31.38
N ARG B 108 -16.30 -12.17 -30.44
CA ARG B 108 -15.95 -13.55 -30.76
C ARG B 108 -17.07 -14.22 -31.54
N ARG B 109 -16.73 -14.72 -32.73
CA ARG B 109 -17.67 -15.39 -33.62
C ARG B 109 -17.02 -16.69 -34.10
N VAL B 110 -17.58 -17.82 -33.68
CA VAL B 110 -17.09 -19.13 -34.08
C VAL B 110 -18.22 -19.84 -34.83
N GLU B 111 -17.95 -20.18 -36.09
CA GLU B 111 -18.99 -20.80 -36.92
C GLU B 111 -19.19 -22.26 -36.51
N PRO B 112 -20.43 -22.71 -36.37
CA PRO B 112 -20.66 -24.10 -35.94
C PRO B 112 -20.45 -25.09 -37.07
N THR B 113 -19.99 -26.28 -36.69
CA THR B 113 -19.81 -27.40 -37.62
C THR B 113 -21.01 -28.34 -37.47
N VAL B 114 -21.76 -28.52 -38.54
CA VAL B 114 -23.00 -29.28 -38.52
C VAL B 114 -22.75 -30.66 -39.12
N THR B 115 -23.25 -31.69 -38.45
CA THR B 115 -23.05 -33.07 -38.86
C THR B 115 -24.27 -33.88 -38.50
N ILE B 116 -24.71 -34.74 -39.43
CA ILE B 116 -25.87 -35.62 -39.23
C ILE B 116 -25.38 -37.06 -39.24
N SER B 117 -25.78 -37.83 -38.22
CA SER B 117 -25.45 -39.24 -38.13
C SER B 117 -26.70 -40.04 -37.82
N PRO B 118 -26.83 -41.26 -38.35
CA PRO B 118 -28.12 -41.97 -38.23
C PRO B 118 -28.38 -42.51 -36.83
N SER B 119 -27.37 -43.08 -36.18
CA SER B 119 -27.56 -43.68 -34.86
C SER B 119 -28.05 -42.69 -33.82
N ASN B 128 -33.34 -45.20 -37.19
CA ASN B 128 -34.70 -44.74 -36.92
C ASN B 128 -34.68 -43.40 -36.18
N LEU B 129 -33.48 -42.96 -35.82
CA LEU B 129 -33.25 -41.65 -35.23
C LEU B 129 -32.37 -40.81 -36.16
N LEU B 130 -32.15 -39.56 -35.77
CA LEU B 130 -31.23 -38.68 -36.48
C LEU B 130 -30.65 -37.69 -35.48
N VAL B 131 -29.32 -37.57 -35.48
CA VAL B 131 -28.60 -36.72 -34.53
C VAL B 131 -27.89 -35.64 -35.34
N CYS B 132 -28.40 -34.41 -35.26
CA CYS B 132 -27.75 -33.26 -35.88
C CYS B 132 -26.80 -32.64 -34.85
N SER B 133 -25.50 -32.87 -35.03
CA SER B 133 -24.50 -32.43 -34.06
C SER B 133 -23.98 -31.05 -34.46
N VAL B 134 -24.38 -30.04 -33.72
CA VAL B 134 -23.91 -28.66 -33.92
C VAL B 134 -22.83 -28.41 -32.89
N THR B 135 -21.57 -28.38 -33.32
CA THR B 135 -20.44 -28.36 -32.40
C THR B 135 -19.57 -27.14 -32.61
N ASP B 136 -19.00 -26.66 -31.49
CA ASP B 136 -17.97 -25.62 -31.48
C ASP B 136 -18.45 -24.31 -32.12
N PHE B 137 -19.24 -23.53 -31.39
CA PHE B 137 -19.69 -22.24 -31.87
C PHE B 137 -19.68 -21.23 -30.72
N TYR B 138 -19.73 -19.95 -31.09
CA TYR B 138 -19.78 -18.86 -30.13
C TYR B 138 -20.27 -17.63 -30.88
N PRO B 139 -21.18 -16.83 -30.30
CA PRO B 139 -21.76 -16.97 -28.96
C PRO B 139 -22.83 -18.05 -28.83
N ALA B 140 -23.54 -18.03 -27.71
CA ALA B 140 -24.47 -19.10 -27.37
C ALA B 140 -25.77 -18.97 -28.16
N GLN B 141 -26.03 -17.81 -28.76
CA GLN B 141 -27.25 -17.64 -29.55
C GLN B 141 -27.27 -18.57 -30.77
N ILE B 142 -28.29 -19.42 -30.85
CA ILE B 142 -28.39 -20.39 -31.93
C ILE B 142 -29.83 -20.87 -32.06
N LYS B 143 -30.20 -21.36 -33.24
CA LYS B 143 -31.54 -21.97 -33.46
C LYS B 143 -31.37 -23.14 -34.41
N VAL B 144 -31.83 -24.33 -34.03
CA VAL B 144 -31.75 -25.53 -34.91
C VAL B 144 -33.16 -26.01 -35.24
N ARG B 145 -33.47 -26.23 -36.52
CA ARG B 145 -34.78 -26.67 -36.95
C ARG B 145 -34.63 -27.88 -37.87
N TRP B 146 -35.56 -28.83 -37.76
CA TRP B 146 -35.57 -30.02 -38.59
C TRP B 146 -36.59 -29.86 -39.71
N PHE B 147 -36.15 -30.10 -40.94
CA PHE B 147 -37.02 -30.07 -42.12
C PHE B 147 -37.16 -31.46 -42.71
N ARG B 148 -38.36 -31.77 -43.20
CA ARG B 148 -38.64 -33.02 -43.91
C ARG B 148 -39.38 -32.65 -45.19
N ASN B 149 -38.66 -32.69 -46.31
CA ASN B 149 -39.20 -32.30 -47.61
C ASN B 149 -39.75 -30.88 -47.58
N ASP B 150 -38.91 -29.94 -47.14
CA ASP B 150 -39.25 -28.52 -47.03
C ASP B 150 -40.47 -28.31 -46.14
N GLN B 151 -40.56 -29.09 -45.07
CA GLN B 151 -41.63 -28.97 -44.10
C GLN B 151 -41.04 -29.10 -42.71
N GLU B 152 -41.16 -28.05 -41.90
CA GLU B 152 -40.57 -28.06 -40.56
C GLU B 152 -41.24 -29.10 -39.70
N GLU B 153 -40.45 -30.05 -39.19
CA GLU B 153 -40.95 -31.09 -38.31
C GLU B 153 -40.76 -30.65 -36.86
N THR B 154 -41.85 -30.27 -36.20
CA THR B 154 -41.82 -29.78 -34.84
C THR B 154 -42.21 -30.85 -33.81
N ALA B 155 -42.58 -32.04 -34.27
CA ALA B 155 -42.90 -33.16 -33.38
C ALA B 155 -41.87 -34.27 -33.57
N GLY B 156 -41.61 -35.01 -32.51
CA GLY B 156 -40.55 -36.01 -32.55
C GLY B 156 -39.16 -35.44 -32.48
N VAL B 157 -39.03 -34.17 -32.11
CA VAL B 157 -37.75 -33.49 -32.01
C VAL B 157 -37.49 -33.20 -30.54
N VAL B 158 -36.53 -33.92 -29.96
CA VAL B 158 -36.08 -33.70 -28.59
C VAL B 158 -34.67 -33.14 -28.65
N SER B 159 -34.45 -32.00 -28.01
CA SER B 159 -33.19 -31.29 -28.07
C SER B 159 -32.52 -31.29 -26.70
N THR B 160 -31.22 -31.59 -26.67
CA THR B 160 -30.45 -31.52 -25.46
C THR B 160 -30.27 -30.07 -25.04
N PRO B 161 -30.05 -29.80 -23.75
CA PRO B 161 -29.73 -28.44 -23.32
C PRO B 161 -28.41 -27.97 -23.93
N LEU B 162 -28.19 -26.66 -23.86
CA LEU B 162 -26.96 -26.07 -24.37
C LEU B 162 -25.77 -26.54 -23.54
N ILE B 163 -24.78 -27.11 -24.20
CA ILE B 163 -23.61 -27.68 -23.53
C ILE B 163 -22.46 -26.70 -23.62
N ARG B 164 -21.92 -26.30 -22.46
CA ARG B 164 -20.79 -25.39 -22.40
C ARG B 164 -19.51 -26.21 -22.41
N ASN B 165 -18.73 -26.10 -23.48
CA ASN B 165 -17.50 -26.87 -23.59
C ASN B 165 -16.43 -26.40 -22.61
N GLY B 166 -16.47 -25.13 -22.21
CA GLY B 166 -15.53 -24.57 -21.27
C GLY B 166 -14.41 -23.76 -21.92
N ASP B 167 -14.04 -24.09 -23.15
CA ASP B 167 -13.03 -23.35 -23.89
C ASP B 167 -13.64 -22.29 -24.79
N TRP B 168 -14.65 -21.58 -24.30
CA TRP B 168 -15.31 -20.49 -25.03
C TRP B 168 -16.00 -20.98 -26.29
N THR B 169 -16.51 -22.21 -26.27
CA THR B 169 -17.31 -22.75 -27.36
C THR B 169 -18.47 -23.52 -26.77
N PHE B 170 -19.53 -23.68 -27.57
CA PHE B 170 -20.71 -24.42 -27.17
C PHE B 170 -21.01 -25.50 -28.20
N GLN B 171 -21.84 -26.46 -27.80
CA GLN B 171 -22.32 -27.48 -28.72
C GLN B 171 -23.71 -27.92 -28.27
N ILE B 172 -24.46 -28.47 -29.23
CA ILE B 172 -25.82 -28.90 -28.97
C ILE B 172 -26.18 -30.01 -29.95
N LEU B 173 -26.94 -30.99 -29.48
CA LEU B 173 -27.37 -32.13 -30.28
C LEU B 173 -28.88 -32.15 -30.34
N VAL B 174 -29.43 -32.24 -31.54
CA VAL B 174 -30.88 -32.23 -31.76
C VAL B 174 -31.29 -33.59 -32.33
N MET B 175 -32.17 -34.28 -31.62
CA MET B 175 -32.63 -35.60 -32.03
C MET B 175 -33.88 -35.47 -32.90
N LEU B 176 -34.09 -36.48 -33.75
CA LEU B 176 -35.26 -36.51 -34.63
C LEU B 176 -35.79 -37.94 -34.67
N GLU B 177 -37.04 -38.12 -34.25
CA GLU B 177 -37.71 -39.41 -34.36
C GLU B 177 -38.28 -39.54 -35.76
N MET B 178 -37.64 -40.35 -36.59
CA MET B 178 -37.99 -40.47 -38.00
C MET B 178 -38.46 -41.87 -38.33
N THR B 179 -39.24 -41.97 -39.41
CA THR B 179 -39.66 -43.24 -39.98
C THR B 179 -39.54 -43.13 -41.50
N PRO B 180 -38.48 -43.69 -42.10
CA PRO B 180 -38.23 -43.57 -43.53
C PRO B 180 -39.15 -44.38 -44.45
N VAL B 185 -35.81 -36.74 -48.27
CA VAL B 185 -34.63 -35.97 -47.77
C VAL B 185 -34.85 -35.18 -46.49
N TYR B 186 -34.05 -35.45 -45.46
CA TYR B 186 -34.07 -34.72 -44.20
C TYR B 186 -32.92 -33.71 -44.19
N THR B 187 -33.22 -32.48 -43.79
CA THR B 187 -32.23 -31.41 -43.74
C THR B 187 -32.26 -30.74 -42.38
N CYS B 188 -31.08 -30.47 -41.83
CA CYS B 188 -30.93 -29.81 -40.55
C CYS B 188 -30.62 -28.33 -40.79
N HIS B 189 -31.48 -27.46 -40.27
CA HIS B 189 -31.37 -26.01 -40.45
C HIS B 189 -30.76 -25.39 -39.19
N VAL B 190 -29.73 -24.57 -39.38
CA VAL B 190 -29.00 -23.97 -38.26
C VAL B 190 -28.85 -22.47 -38.53
N GLU B 191 -29.17 -21.66 -37.52
CA GLU B 191 -29.01 -20.21 -37.59
C GLU B 191 -28.12 -19.75 -36.44
N HIS B 192 -27.14 -18.91 -36.75
CA HIS B 192 -26.16 -18.46 -35.78
C HIS B 192 -25.68 -17.07 -36.20
N PRO B 193 -25.36 -16.20 -35.25
CA PRO B 193 -24.92 -14.84 -35.63
C PRO B 193 -23.67 -14.81 -36.49
N SER B 194 -22.79 -15.80 -36.36
CA SER B 194 -21.53 -15.81 -37.09
C SER B 194 -21.69 -16.18 -38.56
N LEU B 195 -22.89 -16.50 -39.01
CA LEU B 195 -23.12 -16.99 -40.37
C LEU B 195 -23.76 -15.91 -41.22
N GLN B 196 -23.39 -15.90 -42.51
CA GLN B 196 -24.02 -15.00 -43.48
C GLN B 196 -25.33 -15.56 -44.02
N SER B 197 -25.45 -16.89 -44.04
CA SER B 197 -26.62 -17.59 -44.52
C SER B 197 -26.74 -18.87 -43.71
N PRO B 198 -27.95 -19.29 -43.36
CA PRO B 198 -28.11 -20.48 -42.53
C PRO B 198 -27.53 -21.72 -43.19
N ILE B 199 -26.97 -22.61 -42.37
CA ILE B 199 -26.34 -23.83 -42.84
C ILE B 199 -27.40 -24.93 -42.89
N THR B 200 -27.43 -25.66 -44.01
CA THR B 200 -28.32 -26.80 -44.19
C THR B 200 -27.51 -28.02 -44.57
N VAL B 201 -27.77 -29.15 -43.90
CA VAL B 201 -27.08 -30.41 -44.13
C VAL B 201 -28.12 -31.47 -44.46
N GLU B 202 -27.88 -32.24 -45.52
CA GLU B 202 -28.90 -33.22 -45.97
C GLU B 202 -28.57 -34.68 -45.63
N TRP B 203 -29.59 -35.52 -45.40
CA TRP B 203 -29.40 -36.97 -45.15
C TRP B 203 -30.35 -37.81 -46.02
N ARG B 204 -29.83 -38.81 -46.73
CA ARG B 204 -30.61 -39.67 -47.67
C ARG B 204 -31.27 -38.81 -48.74
N GLN C 1 -6.93 -0.95 -18.56
CA GLN C 1 -6.77 -2.41 -18.80
C GLN C 1 -7.72 -3.08 -17.83
N PRO C 2 -7.82 -4.42 -17.68
CA PRO C 2 -8.81 -4.97 -16.76
C PRO C 2 -8.68 -4.35 -15.36
N PHE C 3 -9.73 -3.74 -14.86
CA PHE C 3 -9.70 -3.08 -13.53
C PHE C 3 -10.50 -3.93 -12.55
N PRO C 4 -9.98 -4.40 -11.38
CA PRO C 4 -10.74 -5.31 -10.52
C PRO C 4 -11.38 -4.62 -9.33
N GLN C 5 -12.06 -5.39 -8.47
CA GLN C 5 -12.68 -4.86 -7.26
C GLN C 5 -11.98 -5.47 -6.04
N PRO C 6 -11.41 -4.66 -5.17
CA PRO C 6 -10.79 -5.21 -3.95
C PRO C 6 -11.83 -5.48 -2.88
N GLU C 7 -11.47 -6.38 -1.96
CA GLU C 7 -12.30 -6.69 -0.80
C GLU C 7 -11.87 -5.83 0.38
N GLN C 8 -12.85 -5.29 1.09
CA GLN C 8 -12.56 -4.48 2.26
C GLN C 8 -12.26 -5.38 3.46
N PRO C 9 -11.25 -5.04 4.27
CA PRO C 9 -10.98 -5.83 5.47
C PRO C 9 -12.05 -5.64 6.52
N PHE C 10 -12.27 -6.70 7.30
CA PHE C 10 -13.16 -6.61 8.45
C PHE C 10 -12.52 -5.75 9.55
N PRO C 11 -13.33 -5.07 10.37
CA PRO C 11 -12.77 -4.28 11.47
C PRO C 11 -12.28 -5.14 12.61
N MET D 2 1.97 3.31 -14.42
CA MET D 2 2.83 4.28 -13.75
C MET D 2 2.04 5.08 -12.71
N ASN D 3 2.56 5.12 -11.48
CA ASN D 3 1.98 5.91 -10.40
C ASN D 3 3.09 6.78 -9.83
N SER D 4 3.18 8.02 -10.29
CA SER D 4 4.26 8.92 -9.91
C SER D 4 3.70 10.22 -9.37
N VAL D 5 4.48 10.87 -8.51
CA VAL D 5 4.16 12.19 -7.97
C VAL D 5 5.40 13.05 -8.07
N THR D 6 5.31 14.12 -8.87
CA THR D 6 6.42 15.05 -9.07
C THR D 6 6.00 16.42 -8.58
N GLN D 7 6.60 16.86 -7.47
CA GLN D 7 6.29 18.14 -6.86
C GLN D 7 7.52 19.05 -6.90
N MET D 8 7.34 20.28 -6.41
CA MET D 8 8.43 21.25 -6.39
C MET D 8 9.58 20.76 -5.52
N GLU D 9 10.78 21.22 -5.85
CA GLU D 9 11.98 20.92 -5.08
C GLU D 9 12.62 22.23 -4.63
N GLY D 10 13.76 22.11 -3.96
CA GLY D 10 14.49 23.26 -3.49
C GLY D 10 13.82 23.92 -2.31
N PRO D 11 14.61 24.37 -1.34
CA PRO D 11 14.05 25.06 -0.17
C PRO D 11 13.32 26.33 -0.58
N VAL D 12 12.06 26.42 -0.18
CA VAL D 12 11.25 27.62 -0.39
C VAL D 12 11.39 28.52 0.82
N THR D 13 11.80 29.76 0.57
CA THR D 13 12.05 30.74 1.64
C THR D 13 11.08 31.89 1.49
N LEU D 14 10.30 32.15 2.54
CA LEU D 14 9.30 33.21 2.54
C LEU D 14 9.40 34.01 3.83
N SER D 15 8.71 35.14 3.85
CA SER D 15 8.58 35.98 5.04
C SER D 15 7.16 35.86 5.59
N GLU D 16 6.93 36.53 6.72
CA GLU D 16 5.60 36.51 7.33
C GLU D 16 4.58 37.12 6.39
N GLU D 17 3.37 36.56 6.39
CA GLU D 17 2.24 37.06 5.63
C GLU D 17 2.52 37.09 4.12
N ALA D 18 3.30 36.13 3.63
CA ALA D 18 3.60 36.02 2.21
C ALA D 18 2.76 34.91 1.58
N PHE D 19 2.68 34.93 0.26
CA PHE D 19 1.90 33.96 -0.48
C PHE D 19 2.75 32.74 -0.79
N LEU D 20 2.19 31.56 -0.54
CA LEU D 20 2.90 30.29 -0.71
C LEU D 20 2.25 29.47 -1.82
N THR D 21 3.10 28.81 -2.62
CA THR D 21 2.63 27.91 -3.65
C THR D 21 3.63 26.77 -3.80
N ILE D 22 3.15 25.53 -3.69
CA ILE D 22 3.97 24.34 -3.85
C ILE D 22 3.27 23.48 -4.90
N ASN D 23 3.80 23.49 -6.13
CA ASN D 23 3.19 22.74 -7.21
C ASN D 23 3.36 21.24 -7.01
N CYS D 24 2.34 20.49 -7.42
CA CYS D 24 2.39 19.03 -7.38
C CYS D 24 1.62 18.47 -8.56
N THR D 25 2.33 17.84 -9.49
CA THR D 25 1.71 17.10 -10.58
C THR D 25 1.85 15.59 -10.41
N TYR D 26 0.87 14.85 -10.92
CA TYR D 26 0.84 13.41 -10.76
C TYR D 26 0.59 12.75 -12.11
N THR D 27 0.91 11.46 -12.17
CA THR D 27 0.51 10.60 -13.28
C THR D 27 0.07 9.27 -12.69
N ALA D 28 -1.21 8.93 -12.89
CA ALA D 28 -1.78 7.70 -12.37
C ALA D 28 -2.68 7.07 -13.43
N THR D 29 -2.74 5.74 -13.41
CA THR D 29 -3.47 5.02 -14.46
C THR D 29 -4.97 5.24 -14.34
N GLY D 30 -5.52 5.15 -13.12
CA GLY D 30 -6.95 5.25 -12.93
C GLY D 30 -7.40 6.51 -12.22
N TYR D 31 -8.30 6.36 -11.26
CA TYR D 31 -8.83 7.48 -10.48
C TYR D 31 -8.17 7.48 -9.11
N PRO D 32 -7.25 8.41 -8.82
CA PRO D 32 -6.56 8.38 -7.52
C PRO D 32 -7.10 9.37 -6.51
N SER D 33 -6.77 9.16 -5.24
CA SER D 33 -6.99 10.14 -4.18
C SER D 33 -5.67 10.82 -3.88
N LEU D 34 -5.72 12.15 -3.71
CA LEU D 34 -4.52 12.95 -3.52
C LEU D 34 -4.46 13.49 -2.09
N PHE D 35 -3.25 13.56 -1.54
CA PHE D 35 -3.04 13.95 -0.15
C PHE D 35 -1.93 14.99 -0.06
N TRP D 36 -1.89 15.66 1.07
CA TRP D 36 -0.79 16.54 1.45
C TRP D 36 -0.39 16.23 2.89
N TYR D 37 0.89 15.93 3.10
CA TYR D 37 1.41 15.61 4.41
C TYR D 37 2.44 16.65 4.81
N VAL D 38 2.45 16.99 6.11
CA VAL D 38 3.41 17.93 6.68
C VAL D 38 4.19 17.23 7.77
N GLN D 39 5.50 17.45 7.81
CA GLN D 39 6.37 16.89 8.84
C GLN D 39 7.06 18.05 9.55
N TYR D 40 6.52 18.43 10.70
CA TYR D 40 7.10 19.52 11.48
C TYR D 40 8.42 19.08 12.10
N PRO D 41 9.31 20.02 12.40
CA PRO D 41 10.63 19.66 12.93
C PRO D 41 10.52 18.84 14.21
N GLY D 42 11.18 17.67 14.20
CA GLY D 42 11.18 16.77 15.34
C GLY D 42 9.99 15.85 15.44
N GLU D 43 8.96 16.04 14.62
CA GLU D 43 7.75 15.25 14.67
C GLU D 43 7.65 14.36 13.44
N GLY D 44 6.65 13.48 13.45
CA GLY D 44 6.40 12.59 12.34
C GLY D 44 5.42 13.16 11.33
N LEU D 45 5.15 12.37 10.31
CA LEU D 45 4.19 12.76 9.28
C LEU D 45 2.78 12.82 9.86
N GLN D 46 2.01 13.80 9.38
CA GLN D 46 0.59 13.89 9.73
C GLN D 46 -0.16 14.47 8.55
N LEU D 47 -1.38 13.98 8.35
CA LEU D 47 -2.18 14.42 7.21
C LEU D 47 -2.56 15.88 7.34
N LEU D 48 -2.27 16.66 6.30
CA LEU D 48 -2.67 18.07 6.27
C LEU D 48 -4.05 18.22 5.63
N LEU D 49 -4.19 17.79 4.38
CA LEU D 49 -5.47 17.82 3.69
C LEU D 49 -5.46 16.78 2.59
N LYS D 50 -6.64 16.49 2.04
CA LYS D 50 -6.78 15.49 1.00
C LYS D 50 -7.94 15.87 0.08
N ALA D 51 -8.13 15.06 -0.96
CA ALA D 51 -9.20 15.24 -1.92
C ALA D 51 -9.41 13.93 -2.65
N THR D 52 -10.67 13.55 -2.86
CA THR D 52 -11.01 12.26 -3.44
C THR D 52 -11.65 12.20 -4.81
N LYS D 53 -12.37 13.24 -5.23
CA LYS D 53 -12.93 13.34 -6.56
C LYS D 53 -12.30 14.50 -7.29
N ALA D 54 -12.75 14.76 -8.53
CA ALA D 54 -12.31 15.93 -9.27
C ALA D 54 -12.96 17.25 -8.90
N ASP D 55 -12.20 18.33 -9.01
CA ASP D 55 -12.64 19.67 -8.63
C ASP D 55 -13.05 19.73 -7.16
N ASP D 56 -12.39 18.96 -6.31
CA ASP D 56 -12.58 18.99 -4.87
C ASP D 56 -11.46 19.82 -4.27
N GLY D 58 -9.36 20.64 -0.43
CA GLY D 58 -9.08 20.43 0.98
C GLY D 58 -8.55 21.71 1.58
N SER D 59 -8.87 21.95 2.86
CA SER D 59 -8.50 23.21 3.50
C SER D 59 -8.32 22.98 5.00
N ASN D 60 -7.07 22.99 5.44
CA ASN D 60 -6.74 22.89 6.86
C ASN D 60 -5.66 23.92 7.17
N LYS D 61 -5.86 24.68 8.24
CA LYS D 61 -4.88 25.66 8.71
C LYS D 61 -4.61 26.72 7.66
N GLY D 62 -5.66 27.12 6.94
CA GLY D 62 -5.51 28.11 5.89
C GLY D 62 -4.91 27.61 4.60
N PHE D 63 -4.23 26.46 4.64
CA PHE D 63 -3.74 25.87 3.40
C PHE D 63 -4.89 25.45 2.49
N GLU D 64 -4.66 25.54 1.18
CA GLU D 64 -5.69 25.20 0.21
C GLU D 64 -5.15 24.50 -1.01
N ALA D 65 -5.79 23.40 -1.40
CA ALA D 65 -5.39 22.63 -2.57
C ALA D 65 -6.62 22.10 -3.30
N THR D 66 -6.58 22.19 -4.63
CA THR D 66 -7.71 21.82 -5.48
C THR D 66 -7.31 20.69 -6.41
N TYR D 67 -8.06 19.59 -6.36
CA TYR D 67 -7.86 18.48 -7.28
C TYR D 67 -8.26 18.90 -8.69
N ARG D 68 -7.31 18.88 -9.62
CA ARG D 68 -7.55 19.30 -11.00
C ARG D 68 -7.13 18.18 -11.94
N LYS D 69 -8.11 17.51 -12.54
CA LYS D 69 -7.80 16.45 -13.49
C LYS D 69 -7.34 17.01 -14.83
N GLU D 70 -7.71 18.25 -15.16
CA GLU D 70 -7.35 18.84 -16.44
C GLU D 70 -5.85 18.99 -16.57
N THR D 71 -5.17 19.33 -15.48
CA THR D 71 -3.73 19.47 -15.45
C THR D 71 -3.05 18.39 -14.61
N THR D 72 -3.82 17.43 -14.08
CA THR D 72 -3.32 16.42 -13.15
C THR D 72 -2.52 17.07 -12.03
N SER D 73 -3.16 17.99 -11.32
CA SER D 73 -2.49 18.83 -10.35
C SER D 73 -3.18 18.77 -9.00
N PHE D 74 -2.44 19.13 -7.96
CA PHE D 74 -2.93 19.26 -6.60
C PHE D 74 -2.05 20.29 -5.89
N HIS D 75 -2.04 21.51 -6.42
CA HIS D 75 -1.13 22.54 -5.94
C HIS D 75 -1.61 23.09 -4.59
N LEU D 76 -0.65 23.25 -3.67
CA LEU D 76 -0.93 23.78 -2.35
C LEU D 76 -0.73 25.30 -2.34
N GLU D 77 -1.57 25.98 -1.57
CA GLU D 77 -1.52 27.44 -1.52
C GLU D 77 -1.94 27.93 -0.13
N LYS D 78 -1.27 28.99 0.32
CA LYS D 78 -1.67 29.70 1.53
C LYS D 78 -1.44 31.18 1.31
N GLY D 79 -2.45 32.00 1.65
CA GLY D 79 -2.37 33.42 1.38
C GLY D 79 -1.50 34.19 2.36
N SER D 80 -1.41 33.74 3.60
CA SER D 80 -0.62 34.43 4.63
C SER D 80 0.09 33.36 5.46
N VAL D 81 1.36 33.10 5.14
CA VAL D 81 2.10 32.06 5.85
C VAL D 81 2.50 32.55 7.24
N GLN D 82 2.59 31.61 8.17
CA GLN D 82 3.03 31.88 9.53
C GLN D 82 4.42 31.28 9.75
N VAL D 83 5.06 31.70 10.84
CA VAL D 83 6.39 31.17 11.16
C VAL D 83 6.29 29.71 11.57
N SER D 84 5.16 29.31 12.16
CA SER D 84 4.97 27.92 12.58
C SER D 84 4.76 26.96 11.43
N ASP D 85 4.63 27.48 10.19
CA ASP D 85 4.47 26.62 9.02
C ASP D 85 5.79 26.06 8.52
N SER D 86 6.92 26.46 9.12
CA SER D 86 8.23 25.98 8.69
C SER D 86 8.36 24.47 8.92
N ALA D 87 8.29 23.70 7.84
CA ALA D 87 8.36 22.24 7.93
C ALA D 87 8.65 21.69 6.53
N VAL D 88 8.44 20.40 6.34
CA VAL D 88 8.57 19.73 5.06
C VAL D 88 7.20 19.23 4.64
N TYR D 89 6.84 19.46 3.39
CA TYR D 89 5.51 19.13 2.87
C TYR D 89 5.62 18.08 1.78
N PHE D 90 4.91 16.97 1.95
CA PHE D 90 4.94 15.84 1.02
C PHE D 90 3.61 15.71 0.31
N CYS D 91 3.66 15.66 -1.02
CA CYS D 91 2.49 15.42 -1.84
C CYS D 91 2.35 13.92 -2.09
N ALA D 92 1.20 13.35 -1.75
CA ALA D 92 0.99 11.92 -1.78
C ALA D 92 -0.14 11.56 -2.75
N LEU D 93 -0.35 10.26 -2.91
CA LEU D 93 -1.30 9.73 -3.88
C LEU D 93 -1.57 8.27 -3.56
N SER D 94 -2.84 7.86 -3.64
CA SER D 94 -3.22 6.48 -3.41
C SER D 94 -4.36 6.10 -4.34
N GLY D 95 -4.19 5.01 -5.09
CA GLY D 95 -5.17 4.60 -6.07
C GLY D 95 -6.19 3.61 -5.52
N GLY D 96 -7.25 3.41 -6.30
CA GLY D 96 -8.35 2.54 -5.92
C GLY D 96 -8.01 1.07 -5.88
N THR D 97 -6.83 0.68 -6.40
CA THR D 97 -6.38 -0.71 -6.35
C THR D 97 -5.06 -0.84 -5.59
N SER D 98 -4.73 0.13 -4.73
CA SER D 98 -3.45 0.13 -4.02
C SER D 98 -3.58 -0.21 -2.55
N TYR D 99 -4.78 -0.57 -2.08
CA TYR D 99 -4.99 -1.03 -0.70
C TYR D 99 -4.47 -0.02 0.32
N GLY D 100 -4.66 1.27 0.03
CA GLY D 100 -4.26 2.32 0.94
C GLY D 100 -2.78 2.65 0.93
N LYS D 101 -1.98 2.00 0.09
CA LYS D 101 -0.58 2.33 -0.02
C LYS D 101 -0.41 3.74 -0.59
N LEU D 102 0.55 4.48 -0.06
CA LEU D 102 0.78 5.88 -0.43
C LEU D 102 2.02 6.00 -1.29
N THR D 103 1.89 6.71 -2.41
CA THR D 103 3.02 7.04 -3.28
C THR D 103 3.38 8.50 -3.02
N PHE D 104 4.49 8.71 -2.32
CA PHE D 104 4.92 10.05 -1.96
C PHE D 104 5.78 10.65 -3.06
N GLY D 105 6.03 11.95 -2.94
CA GLY D 105 7.03 12.64 -3.74
C GLY D 105 8.19 13.10 -2.87
N GLN D 106 9.21 13.69 -3.49
CA GLN D 106 10.36 14.22 -2.73
C GLN D 106 9.80 15.35 -1.90
N GLY D 107 10.47 15.79 -0.88
CA GLY D 107 9.78 16.82 -0.11
C GLY D 107 10.06 18.23 -0.57
N THR D 108 9.33 19.20 -0.03
CA THR D 108 9.64 20.62 -0.27
C THR D 108 9.86 21.25 1.11
N ILE D 109 11.09 21.66 1.42
CA ILE D 109 11.39 22.34 2.68
C ILE D 109 10.89 23.78 2.61
N LEU D 110 10.21 24.22 3.67
CA LEU D 110 9.70 25.57 3.77
C LEU D 110 10.25 26.21 5.04
N THR D 111 10.75 27.43 4.90
CA THR D 111 11.27 28.21 6.02
C THR D 111 10.70 29.62 5.95
N VAL D 112 9.99 30.03 6.99
CA VAL D 112 9.34 31.33 7.04
C VAL D 112 10.12 32.21 8.01
N HIS D 113 10.63 33.33 7.51
CA HIS D 113 11.39 34.26 8.32
C HIS D 113 10.44 35.22 9.06
N PRO D 114 10.67 35.46 10.34
CA PRO D 114 9.84 36.40 11.08
C PRO D 114 10.19 37.84 10.73
N ASN D 115 9.20 38.72 10.91
CA ASN D 115 9.38 40.15 10.71
C ASN D 115 9.75 40.78 12.05
N ILE D 116 11.05 40.98 12.27
CA ILE D 116 11.53 41.56 13.52
C ILE D 116 11.19 43.05 13.52
N GLN D 117 10.20 43.44 14.33
CA GLN D 117 9.76 44.83 14.35
C GLN D 117 10.63 45.70 15.25
N ASN D 118 11.22 45.12 16.30
CA ASN D 118 12.07 45.85 17.24
C ASN D 118 13.40 45.15 17.38
N PRO D 119 14.27 45.28 16.37
CA PRO D 119 15.59 44.61 16.44
C PRO D 119 16.56 45.39 17.31
N ASP D 120 17.32 44.66 18.12
CA ASP D 120 18.35 45.23 18.99
C ASP D 120 19.58 44.34 18.91
N PRO D 121 20.25 44.31 17.75
CA PRO D 121 21.33 43.34 17.55
C PRO D 121 22.56 43.65 18.40
N ALA D 122 23.21 42.59 18.88
CA ALA D 122 24.39 42.72 19.71
C ALA D 122 25.14 41.40 19.71
N VAL D 123 26.36 41.43 20.25
CA VAL D 123 27.21 40.25 20.37
C VAL D 123 27.71 40.21 21.81
N TYR D 124 27.13 39.33 22.62
CA TYR D 124 27.50 39.19 24.02
C TYR D 124 28.41 37.99 24.22
N GLN D 125 29.29 38.09 25.22
CA GLN D 125 30.20 36.99 25.57
C GLN D 125 29.68 36.30 26.82
N LEU D 126 29.63 34.97 26.78
CA LEU D 126 29.14 34.15 27.88
C LEU D 126 30.30 33.39 28.52
N ARG D 127 30.08 32.98 29.76
CA ARG D 127 31.08 32.24 30.53
C ARG D 127 30.51 30.89 30.96
N ASP D 128 31.38 29.90 31.03
CA ASP D 128 30.97 28.56 31.43
C ASP D 128 30.60 28.53 32.91
N SER D 129 29.61 27.69 33.24
CA SER D 129 29.22 27.52 34.63
C SER D 129 30.33 26.85 35.44
N LYS D 130 31.04 25.90 34.83
CA LYS D 130 32.21 25.30 35.45
C LYS D 130 33.48 26.10 35.21
N SER D 131 33.42 27.16 34.40
CA SER D 131 34.57 27.92 33.94
C SER D 131 35.57 27.08 33.16
N SER D 132 35.21 25.83 32.85
CA SER D 132 36.09 24.94 32.10
C SER D 132 35.83 25.11 30.60
N ASP D 133 36.31 24.17 29.81
CA ASP D 133 36.09 24.13 28.37
C ASP D 133 36.58 25.40 27.70
N LYS D 134 35.68 26.36 27.53
CA LYS D 134 35.97 27.57 26.76
C LYS D 134 34.85 28.59 27.05
N SER D 135 34.79 29.63 26.24
CA SER D 135 33.73 30.62 26.32
C SER D 135 33.12 30.82 24.93
N VAL D 136 31.81 30.96 24.87
CA VAL D 136 31.09 31.14 23.61
C VAL D 136 30.62 32.57 23.51
N CYS D 137 30.29 32.99 22.28
N CYS D 137 30.26 32.96 22.29
CA CYS D 137 29.74 34.31 22.05
CA CYS D 137 29.75 34.29 22.00
C CYS D 137 28.46 34.21 21.25
C CYS D 137 28.42 34.17 21.27
N LEU D 138 27.50 35.07 21.57
CA LEU D 138 26.14 35.01 21.07
C LEU D 138 25.86 36.24 20.20
N PHE D 139 25.50 36.02 18.95
CA PHE D 139 25.04 37.06 18.04
C PHE D 139 23.52 36.94 17.93
N THR D 140 22.80 37.87 18.56
CA THR D 140 21.35 37.72 18.72
C THR D 140 20.64 39.02 18.39
N ASP D 141 19.31 38.90 18.25
CA ASP D 141 18.39 40.04 18.11
C ASP D 141 18.62 40.85 16.84
N PHE D 142 19.05 40.19 15.77
CA PHE D 142 19.24 40.87 14.49
C PHE D 142 18.08 40.57 13.55
N ASP D 143 17.95 41.42 12.53
CA ASP D 143 16.87 41.29 11.56
C ASP D 143 17.09 40.05 10.68
N SER D 144 16.00 39.57 10.09
CA SER D 144 16.07 38.40 9.22
C SER D 144 16.81 38.69 7.91
N GLN D 145 17.12 39.95 7.62
CA GLN D 145 17.87 40.31 6.43
C GLN D 145 19.38 40.15 6.60
N THR D 146 19.82 39.55 7.69
CA THR D 146 21.24 39.35 7.97
C THR D 146 21.57 37.86 7.85
N ASN D 147 22.66 37.56 7.15
CA ASN D 147 23.12 36.19 6.95
C ASN D 147 24.45 35.97 7.68
N VAL D 148 24.56 34.83 8.34
CA VAL D 148 25.78 34.45 9.06
C VAL D 148 26.61 33.55 8.17
N SER D 149 27.93 33.77 8.17
CA SER D 149 28.86 33.02 7.35
C SER D 149 29.76 32.17 8.22
N GLN D 150 30.34 31.14 7.61
CA GLN D 150 31.29 30.30 8.31
C GLN D 150 32.60 31.06 8.52
N SER D 151 33.32 30.70 9.59
CA SER D 151 34.52 31.41 9.95
C SER D 151 35.65 31.11 8.97
N LYS D 152 36.73 31.87 9.08
CA LYS D 152 37.93 31.66 8.29
C LYS D 152 38.98 30.82 9.01
N ASP D 153 39.07 30.95 10.32
CA ASP D 153 39.99 30.11 11.09
C ASP D 153 39.41 28.69 11.21
N SER D 154 40.28 27.70 11.02
CA SER D 154 39.84 26.31 11.06
C SER D 154 39.42 25.87 12.45
N ASP D 155 39.87 26.56 13.49
CA ASP D 155 39.54 26.22 14.87
C ASP D 155 38.44 27.10 15.45
N VAL D 156 37.54 27.60 14.61
CA VAL D 156 36.42 28.42 15.03
C VAL D 156 35.15 27.85 14.42
N TYR D 157 34.14 27.62 15.25
CA TYR D 157 32.87 27.03 14.83
C TYR D 157 31.76 28.07 14.96
N ILE D 158 31.00 28.25 13.89
CA ILE D 158 29.90 29.21 13.86
C ILE D 158 28.66 28.49 13.36
N THR D 159 27.58 28.54 14.15
CA THR D 159 26.34 27.87 13.77
C THR D 159 25.50 28.79 12.89
N ASP D 160 24.36 28.27 12.43
CA ASP D 160 23.44 29.03 11.61
C ASP D 160 22.39 29.70 12.50
N LYS D 161 21.50 30.48 11.88
CA LYS D 161 20.50 31.23 12.62
C LYS D 161 19.38 30.32 13.09
N CYS D 162 19.03 30.45 14.37
CA CYS D 162 17.87 29.78 14.95
C CYS D 162 16.86 30.84 15.37
N VAL D 163 15.57 30.54 15.21
CA VAL D 163 14.50 31.47 15.50
C VAL D 163 13.87 31.08 16.84
N LEU D 164 14.09 31.90 17.85
CA LEU D 164 13.58 31.65 19.20
C LEU D 164 12.29 32.44 19.42
N ASP D 165 11.31 31.78 20.02
CA ASP D 165 9.99 32.37 20.26
C ASP D 165 9.70 32.33 21.76
N MET D 166 9.88 33.46 22.43
CA MET D 166 9.45 33.60 23.81
C MET D 166 7.93 33.67 23.82
N ARG D 167 7.29 32.52 24.06
CA ARG D 167 5.84 32.46 23.97
C ARG D 167 5.16 33.25 25.08
N SER D 168 5.88 33.59 26.15
CA SER D 168 5.33 34.45 27.20
C SER D 168 5.25 35.91 26.79
N MET D 169 5.75 36.26 25.61
CA MET D 169 5.74 37.64 25.15
C MET D 169 5.41 37.77 23.67
N ASP D 170 5.27 36.66 22.95
CA ASP D 170 4.96 36.68 21.51
C ASP D 170 6.02 37.47 20.75
N PHE D 171 7.26 37.38 21.22
CA PHE D 171 8.40 38.10 20.66
C PHE D 171 9.39 37.09 20.12
N LYS D 172 9.67 37.17 18.82
CA LYS D 172 10.63 36.29 18.16
C LYS D 172 11.94 37.03 17.94
N SER D 173 13.03 36.27 17.93
CA SER D 173 14.35 36.84 17.76
C SER D 173 15.31 35.79 17.23
N ASN D 174 16.16 36.18 16.29
CA ASN D 174 17.18 35.30 15.74
C ASN D 174 18.44 35.34 16.60
N SER D 175 19.23 34.27 16.52
CA SER D 175 20.47 34.21 17.25
C SER D 175 21.40 33.18 16.62
N ALA D 176 22.70 33.36 16.83
CA ALA D 176 23.71 32.42 16.37
C ALA D 176 24.79 32.32 17.44
N VAL D 177 25.48 31.18 17.44
CA VAL D 177 26.50 30.86 18.44
C VAL D 177 27.82 30.62 17.74
N ALA D 178 28.90 31.06 18.38
CA ALA D 178 30.26 30.79 17.90
C ALA D 178 31.18 30.56 19.09
N TRP D 179 32.11 29.62 18.93
CA TRP D 179 33.01 29.27 20.00
C TRP D 179 34.34 28.80 19.41
N SER D 180 35.37 28.77 20.27
CA SER D 180 36.68 28.31 19.87
C SER D 180 37.51 28.05 21.11
N ASN D 181 38.39 27.04 21.01
CA ASN D 181 39.32 26.74 22.09
C ASN D 181 40.56 27.62 22.04
N LYS D 182 40.80 28.31 20.94
CA LYS D 182 41.97 29.17 20.81
C LYS D 182 41.98 30.24 21.88
N SER D 183 43.12 30.39 22.56
CA SER D 183 43.29 31.40 23.59
C SER D 183 43.27 32.82 23.06
N ASP D 184 43.15 32.99 21.74
CA ASP D 184 43.10 34.30 21.10
C ASP D 184 41.78 34.48 20.35
N PHE D 185 40.70 33.88 20.87
CA PHE D 185 39.38 34.01 20.28
C PHE D 185 38.72 35.26 20.87
N ALA D 186 38.50 36.29 20.07
CA ALA D 186 37.75 37.43 20.62
C ALA D 186 36.35 37.49 20.04
N CYS D 187 35.41 38.07 20.79
CA CYS D 187 34.00 38.11 20.37
C CYS D 187 33.79 39.20 19.32
N ALA D 188 34.74 40.10 19.22
CA ALA D 188 34.59 41.20 18.25
C ALA D 188 35.19 40.79 16.91
N ASN D 189 35.92 39.69 16.90
CA ASN D 189 36.64 39.29 15.66
C ASN D 189 35.94 38.09 15.07
N ALA D 190 34.99 37.53 15.80
CA ALA D 190 34.19 36.44 15.22
C ALA D 190 33.12 37.12 14.38
N PHE D 191 32.39 36.35 13.61
CA PHE D 191 31.33 36.93 12.78
C PHE D 191 31.92 38.04 11.92
N ASN D 192 33.23 38.02 11.67
CA ASN D 192 33.80 39.02 10.78
C ASN D 192 33.75 38.62 9.31
N ASN D 193 33.60 37.33 9.01
CA ASN D 193 33.30 36.90 7.65
C ASN D 193 31.84 37.15 7.28
N SER D 194 31.04 37.62 8.23
CA SER D 194 29.62 37.89 8.00
C SER D 194 29.40 39.40 7.93
N ILE D 195 28.44 39.80 7.10
CA ILE D 195 28.06 41.20 7.00
C ILE D 195 27.03 41.49 8.09
N ILE D 196 27.49 41.88 9.26
CA ILE D 196 26.62 42.13 10.41
C ILE D 196 26.05 43.54 10.30
N PRO D 197 24.93 43.83 10.97
CA PRO D 197 24.42 45.21 10.96
C PRO D 197 25.40 46.18 11.58
N GLU D 198 25.39 47.42 11.07
CA GLU D 198 26.30 48.45 11.56
C GLU D 198 26.04 48.76 13.03
N ASP D 199 24.78 48.92 13.39
CA ASP D 199 24.40 49.22 14.78
C ASP D 199 24.57 48.04 15.72
N THR D 200 25.29 46.98 15.36
CA THR D 200 25.45 45.83 16.25
C THR D 200 26.20 46.23 17.51
N PHE D 201 25.52 46.17 18.65
CA PHE D 201 26.09 46.61 19.93
C PHE D 201 27.16 45.62 20.39
N PHE D 202 28.38 46.13 20.60
CA PHE D 202 29.52 45.33 21.04
C PHE D 202 29.89 45.72 22.46
N PRO D 203 29.39 45.03 23.49
CA PRO D 203 29.72 45.30 24.90
C PRO D 203 31.21 45.24 25.18
N MET E 2 4.60 5.35 17.88
CA MET E 2 4.25 3.97 17.58
C MET E 2 5.48 3.06 17.56
N GLN E 3 6.63 3.65 17.24
CA GLN E 3 7.87 2.90 17.04
C GLN E 3 8.77 3.04 18.26
N THR E 4 9.39 1.94 18.65
CA THR E 4 10.01 1.85 19.97
C THR E 4 11.38 2.54 20.07
N PRO E 5 12.30 2.41 19.09
CA PRO E 5 13.56 3.17 19.20
C PRO E 5 13.56 4.41 18.31
N SER E 6 13.98 5.54 18.88
CA SER E 6 14.07 6.77 18.09
C SER E 6 15.21 6.68 17.08
N ASN E 7 16.38 6.26 17.54
CA ASN E 7 17.55 6.08 16.67
C ASN E 7 18.27 4.80 17.08
N LYS E 8 18.95 4.19 16.12
CA LYS E 8 19.72 2.97 16.39
C LYS E 8 21.00 2.99 15.57
N VAL E 9 22.08 2.50 16.17
CA VAL E 9 23.38 2.41 15.54
C VAL E 9 23.71 0.93 15.33
N THR E 10 24.23 0.60 14.14
CA THR E 10 24.57 -0.78 13.82
C THR E 10 25.85 -0.82 13.00
N GLU E 11 26.59 -1.91 13.16
CA GLU E 11 27.84 -2.12 12.43
C GLU E 11 27.56 -2.92 11.16
N LYS E 12 28.33 -2.61 10.11
CA LYS E 12 28.15 -3.30 8.83
C LYS E 12 28.36 -4.80 9.00
N GLY E 13 27.52 -5.57 8.31
CA GLY E 13 27.60 -7.02 8.36
C GLY E 13 26.80 -7.69 9.45
N LYS E 14 26.16 -6.93 10.32
CA LYS E 14 25.35 -7.47 11.40
C LYS E 14 23.87 -7.16 11.15
N TYR E 15 23.02 -7.83 11.91
CA TYR E 15 21.59 -7.71 11.73
C TYR E 15 21.02 -6.62 12.63
N VAL E 16 19.88 -6.07 12.22
CA VAL E 16 19.13 -5.10 13.01
C VAL E 16 17.68 -5.54 13.04
N GLU E 17 16.98 -5.16 14.10
CA GLU E 17 15.55 -5.42 14.24
C GLU E 17 14.86 -4.12 14.62
N LEU E 18 13.90 -3.71 13.79
CA LEU E 18 13.10 -2.53 14.03
C LEU E 18 11.70 -2.97 14.46
N ARG E 19 11.15 -2.32 15.48
CA ARG E 19 9.88 -2.70 16.07
C ARG E 19 8.85 -1.59 15.86
N CYS E 20 7.60 -1.99 15.64
CA CYS E 20 6.50 -1.05 15.49
C CYS E 20 5.29 -1.61 16.22
N ASP E 21 4.81 -0.89 17.22
CA ASP E 21 3.60 -1.29 17.94
C ASP E 21 2.45 -0.42 17.46
N PRO E 22 1.54 -0.95 16.63
CA PRO E 22 0.48 -0.11 16.08
C PRO E 22 -0.56 0.24 17.13
N ILE E 23 -1.43 1.17 16.75
CA ILE E 23 -2.53 1.56 17.62
C ILE E 23 -3.45 0.37 17.83
N SER E 24 -4.00 0.26 19.04
CA SER E 24 -4.82 -0.89 19.40
C SER E 24 -6.04 -1.00 18.48
N GLY E 25 -6.17 -2.15 17.81
CA GLY E 25 -7.29 -2.41 16.96
C GLY E 25 -7.06 -2.19 15.48
N HIS E 26 -5.98 -1.51 15.11
CA HIS E 26 -5.70 -1.25 13.70
C HIS E 26 -5.19 -2.52 13.03
N THR E 27 -5.93 -3.02 12.04
CA THR E 27 -5.61 -4.30 11.43
C THR E 27 -4.60 -4.17 10.30
N ALA E 28 -4.52 -3.01 9.67
CA ALA E 28 -3.59 -2.78 8.57
C ALA E 28 -2.34 -2.05 9.08
N LEU E 29 -1.18 -2.52 8.64
CA LEU E 29 0.10 -1.95 9.04
C LEU E 29 0.99 -1.81 7.82
N TYR E 30 1.64 -0.65 7.69
CA TYR E 30 2.47 -0.34 6.54
C TYR E 30 3.87 0.06 7.02
N TRP E 31 4.89 -0.43 6.33
CA TRP E 31 6.27 -0.03 6.58
C TRP E 31 6.76 0.81 5.41
N TYR E 32 7.42 1.93 5.72
CA TYR E 32 8.00 2.82 4.72
C TYR E 32 9.46 3.05 5.02
N ARG E 33 10.17 3.62 4.05
CA ARG E 33 11.57 3.97 4.19
C ARG E 33 11.81 5.32 3.55
N GLN E 34 12.43 6.24 4.28
CA GLN E 34 12.70 7.59 3.80
C GLN E 34 14.21 7.83 3.83
N SER E 35 14.83 7.85 2.66
CA SER E 35 16.24 8.18 2.55
C SER E 35 16.43 9.70 2.65
N LEU E 36 17.68 10.11 2.77
CA LEU E 36 17.99 11.53 2.93
C LEU E 36 17.68 12.28 1.64
N GLY E 37 16.89 13.35 1.75
CA GLY E 37 16.51 14.11 0.59
C GLY E 37 15.50 13.44 -0.31
N GLN E 38 14.73 12.50 0.22
CA GLN E 38 13.72 11.77 -0.53
C GLN E 38 12.43 11.72 0.26
N GLY E 39 11.38 11.19 -0.38
CA GLY E 39 10.13 10.93 0.29
C GLY E 39 10.06 9.47 0.72
N PRO E 40 9.09 9.14 1.56
CA PRO E 40 8.92 7.74 1.97
C PRO E 40 8.64 6.84 0.78
N GLU E 41 9.05 5.59 0.90
CA GLU E 41 8.85 4.59 -0.13
C GLU E 41 8.33 3.30 0.51
N PHE E 42 7.35 2.69 -0.16
CA PHE E 42 6.65 1.54 0.42
C PHE E 42 7.59 0.35 0.57
N LEU E 43 7.38 -0.42 1.65
CA LEU E 43 8.15 -1.62 1.91
C LEU E 43 7.27 -2.86 2.01
N ILE E 44 6.36 -2.92 2.98
CA ILE E 44 5.55 -4.11 3.19
C ILE E 44 4.24 -3.70 3.84
N TYR E 45 3.18 -4.46 3.56
CA TYR E 45 1.83 -4.16 4.05
C TYR E 45 1.26 -5.41 4.69
N PHE E 46 0.94 -5.32 5.98
CA PHE E 46 0.33 -6.42 6.72
C PHE E 46 -1.16 -6.17 6.88
N GLN E 47 -1.96 -7.22 6.69
CA GLN E 47 -3.39 -7.20 6.95
C GLN E 47 -3.66 -8.33 7.95
N GLY E 48 -3.71 -7.99 9.24
CA GLY E 48 -3.79 -9.00 10.27
C GLY E 48 -2.45 -9.65 10.53
N THR E 49 -2.45 -10.96 10.75
CA THR E 49 -1.21 -11.67 11.03
C THR E 49 -0.41 -11.97 9.77
N GLY E 50 -1.04 -11.95 8.60
CA GLY E 50 -0.39 -12.35 7.36
C GLY E 50 0.05 -11.16 6.52
N ALA E 51 1.11 -11.38 5.73
CA ALA E 51 1.62 -10.36 4.85
C ALA E 51 0.84 -10.34 3.54
N ALA E 52 0.46 -9.15 3.09
CA ALA E 52 -0.34 -8.99 1.88
C ALA E 52 0.43 -8.42 0.70
N ASP E 53 1.46 -7.62 0.96
CA ASP E 53 2.22 -7.00 -0.13
C ASP E 53 3.67 -6.88 0.32
N ASP E 54 4.57 -7.61 -0.34
CA ASP E 54 5.99 -7.57 -0.01
C ASP E 54 6.84 -7.02 -1.14
N SER E 55 6.21 -6.30 -2.09
CA SER E 55 6.92 -5.85 -3.28
C SER E 55 7.94 -4.75 -2.97
N GLY E 56 7.75 -4.01 -1.87
CA GLY E 56 8.65 -2.93 -1.55
C GLY E 56 9.97 -3.32 -0.92
N LEU E 57 10.09 -4.56 -0.46
CA LEU E 57 11.34 -5.00 0.16
C LEU E 57 12.45 -5.03 -0.90
N PRO E 58 13.61 -4.42 -0.64
CA PRO E 58 14.61 -4.27 -1.71
C PRO E 58 15.27 -5.57 -2.13
N ASN E 59 15.58 -6.45 -1.19
CA ASN E 59 16.30 -7.67 -1.50
C ASN E 59 15.93 -8.74 -0.47
N ASP E 60 16.67 -9.85 -0.48
CA ASP E 60 16.42 -10.95 0.44
C ASP E 60 16.94 -10.68 1.85
N ARG E 61 17.81 -9.68 2.02
CA ARG E 61 18.28 -9.34 3.37
C ARG E 61 17.19 -8.69 4.20
N PHE E 62 16.14 -8.16 3.56
CA PHE E 62 15.01 -7.56 4.25
C PHE E 62 13.91 -8.59 4.47
N PHE E 63 13.35 -8.61 5.67
CA PHE E 63 12.28 -9.52 6.00
C PHE E 63 11.51 -8.98 7.20
N ALA E 64 10.19 -9.03 7.13
CA ALA E 64 9.33 -8.53 8.18
C ALA E 64 8.37 -9.62 8.62
N VAL E 65 7.79 -9.42 9.80
CA VAL E 65 6.85 -10.38 10.38
C VAL E 65 5.94 -9.63 11.34
N ARG E 66 4.73 -10.15 11.55
CA ARG E 66 3.78 -9.57 12.54
C ARG E 66 3.05 -10.74 13.19
N PRO E 67 3.70 -11.54 14.05
CA PRO E 67 2.99 -12.59 14.75
C PRO E 67 2.02 -11.91 15.71
N GLU E 68 0.87 -12.54 15.93
CA GLU E 68 -0.17 -12.05 16.86
C GLU E 68 -0.96 -10.97 16.15
N GLY E 69 -0.55 -10.53 14.98
CA GLY E 69 -1.25 -9.43 14.30
C GLY E 69 -1.31 -8.19 15.13
N SER E 70 -0.24 -7.91 15.88
CA SER E 70 -0.10 -6.64 16.61
C SER E 70 1.25 -6.02 16.28
N VAL E 71 2.27 -6.30 17.09
CA VAL E 71 3.60 -5.74 16.90
C VAL E 71 4.23 -6.37 15.66
N SER E 72 4.96 -5.56 14.91
CA SER E 72 5.66 -6.01 13.71
C SER E 72 7.15 -5.73 13.85
N THR E 73 7.96 -6.65 13.34
CA THR E 73 9.41 -6.53 13.41
C THR E 73 9.98 -6.62 12.00
N LEU E 74 10.80 -5.62 11.63
CA LEU E 74 11.50 -5.59 10.36
C LEU E 74 12.97 -5.89 10.62
N LYS E 75 13.46 -7.00 10.07
CA LYS E 75 14.82 -7.46 10.31
C LYS E 75 15.64 -7.30 9.04
N ILE E 76 16.75 -6.56 9.13
CA ILE E 76 17.69 -6.39 8.04
C ILE E 76 18.96 -7.16 8.40
N GLN E 77 19.35 -8.10 7.55
CA GLN E 77 20.56 -8.89 7.78
C GLN E 77 21.69 -8.41 6.90
N ARG E 78 22.91 -8.57 7.40
CA ARG E 78 24.13 -8.19 6.69
C ARG E 78 24.04 -6.74 6.20
N THR E 79 23.80 -5.84 7.14
CA THR E 79 23.50 -4.45 6.81
C THR E 79 24.67 -3.79 6.09
N GLU E 80 24.33 -2.89 5.17
CA GLU E 80 25.28 -2.09 4.43
C GLU E 80 24.99 -0.61 4.68
N ARG E 81 25.93 0.24 4.25
CA ARG E 81 25.75 1.68 4.44
C ARG E 81 24.58 2.23 3.63
N GLY E 82 24.11 1.49 2.62
CA GLY E 82 22.95 1.92 1.85
C GLY E 82 21.63 1.72 2.57
N ASP E 83 21.60 0.90 3.61
CA ASP E 83 20.39 0.66 4.39
C ASP E 83 20.15 1.73 5.44
N SER E 84 20.94 2.81 5.44
CA SER E 84 20.79 3.87 6.44
C SER E 84 19.71 4.85 5.97
N ALA E 85 18.62 4.92 6.73
CA ALA E 85 17.49 5.80 6.42
C ALA E 85 16.58 5.85 7.64
N VAL E 86 15.42 6.50 7.48
CA VAL E 86 14.38 6.51 8.49
C VAL E 86 13.30 5.52 8.05
N TYR E 87 12.93 4.61 8.95
CA TYR E 87 11.97 3.55 8.64
C TYR E 87 10.65 3.87 9.35
N LEU E 88 9.69 4.35 8.57
CA LEU E 88 8.40 4.78 9.09
C LEU E 88 7.41 3.63 9.15
N CYS E 89 6.41 3.78 10.01
CA CYS E 89 5.39 2.77 10.23
C CYS E 89 4.03 3.45 10.34
N ALA E 90 3.07 2.98 9.54
CA ALA E 90 1.72 3.53 9.55
C ALA E 90 0.72 2.41 9.79
N SER E 91 -0.40 2.77 10.41
CA SER E 91 -1.46 1.81 10.72
C SER E 91 -2.81 2.40 10.36
N SER E 92 -3.73 1.52 9.97
CA SER E 92 -5.09 1.91 9.62
C SER E 92 -6.00 0.72 9.85
N GLN E 93 -7.25 0.84 9.41
CA GLN E 93 -8.22 -0.23 9.48
C GLN E 93 -8.50 -0.86 8.11
N GLY E 94 -7.75 -0.46 7.10
CA GLY E 94 -7.95 -0.87 5.73
C GLY E 94 -7.72 0.30 4.81
N GLN E 95 -8.07 0.14 3.54
CA GLN E 95 -7.97 1.25 2.62
C GLN E 95 -9.17 2.18 2.77
N ASP E 96 -8.98 3.43 2.38
CA ASP E 96 -9.99 4.49 2.51
C ASP E 96 -10.39 4.75 3.96
N THR E 97 -9.58 4.28 4.91
CA THR E 97 -9.73 4.64 6.31
C THR E 97 -8.53 5.48 6.74
N GLU E 98 -8.72 6.25 7.81
CA GLU E 98 -7.69 7.19 8.23
C GLU E 98 -6.46 6.46 8.71
N ALA E 99 -5.31 6.80 8.14
CA ALA E 99 -4.03 6.20 8.49
C ALA E 99 -3.23 7.13 9.39
N PHE E 100 -2.54 6.55 10.37
CA PHE E 100 -1.76 7.30 11.34
C PHE E 100 -0.30 6.85 11.26
N PHE E 101 0.61 7.80 11.09
CA PHE E 101 2.03 7.52 10.94
C PHE E 101 2.73 7.64 12.29
N GLY E 102 3.76 6.80 12.48
CA GLY E 102 4.58 6.86 13.67
C GLY E 102 5.71 7.87 13.52
N GLN E 103 6.49 8.01 14.59
CA GLN E 103 7.60 8.95 14.57
C GLN E 103 8.75 8.45 13.70
N GLY E 104 8.88 7.13 13.56
CA GLY E 104 9.95 6.60 12.72
C GLY E 104 11.21 6.31 13.51
N THR E 105 11.95 5.32 13.03
CA THR E 105 13.25 4.96 13.58
C THR E 105 14.33 5.28 12.56
N ARG E 106 15.31 6.08 12.97
CA ARG E 106 16.41 6.46 12.09
C ARG E 106 17.57 5.48 12.27
N LEU E 107 17.89 4.74 11.22
CA LEU E 107 18.95 3.74 11.25
C LEU E 107 20.21 4.30 10.61
N THR E 108 21.34 4.12 11.29
CA THR E 108 22.65 4.56 10.78
C THR E 108 23.61 3.38 10.85
N VAL E 109 24.08 2.93 9.69
CA VAL E 109 25.02 1.82 9.61
C VAL E 109 26.43 2.40 9.60
N VAL E 110 27.25 1.98 10.55
CA VAL E 110 28.61 2.49 10.73
C VAL E 110 29.60 1.44 10.26
N GLU E 111 30.66 1.88 9.58
CA GLU E 111 31.65 0.96 9.05
C GLU E 111 32.61 0.50 10.14
N ASP E 112 33.15 1.44 10.91
CA ASP E 112 34.08 1.14 11.99
C ASP E 112 33.54 1.65 13.32
N LEU E 113 33.56 0.77 14.33
CA LEU E 113 33.02 1.14 15.64
C LEU E 113 33.90 2.15 16.35
N ASN E 114 35.17 2.27 15.96
CA ASN E 114 36.08 3.19 16.65
C ASN E 114 35.67 4.65 16.46
N LYS E 115 34.89 4.97 15.44
CA LYS E 115 34.52 6.34 15.16
C LYS E 115 33.34 6.84 15.97
N VAL E 116 32.72 5.99 16.80
CA VAL E 116 31.56 6.37 17.58
C VAL E 116 32.02 6.99 18.89
N PHE E 117 31.46 8.16 19.22
CA PHE E 117 31.84 8.92 20.41
C PHE E 117 30.58 9.48 21.08
N PRO E 118 30.55 9.51 22.41
CA PRO E 118 29.44 10.15 23.11
C PRO E 118 29.63 11.66 23.18
N PRO E 119 28.57 12.42 23.40
CA PRO E 119 28.70 13.87 23.42
C PRO E 119 29.22 14.38 24.76
N GLU E 120 29.62 15.65 24.76
CA GLU E 120 30.11 16.34 25.95
C GLU E 120 29.31 17.61 26.11
N VAL E 121 28.51 17.70 27.16
CA VAL E 121 27.54 18.78 27.36
C VAL E 121 28.10 19.81 28.31
N ALA E 122 27.90 21.08 27.98
CA ALA E 122 28.34 22.20 28.81
C ALA E 122 27.39 23.37 28.63
N VAL E 123 26.92 23.93 29.73
CA VAL E 123 26.00 25.06 29.73
C VAL E 123 26.76 26.33 30.07
N PHE E 124 26.37 27.45 29.46
CA PHE E 124 27.04 28.72 29.63
C PHE E 124 26.07 29.73 30.22
N GLU E 125 26.50 30.44 31.26
CA GLU E 125 25.63 31.37 31.93
C GLU E 125 25.46 32.65 31.10
N PRO E 126 24.32 33.33 31.24
CA PRO E 126 24.06 34.51 30.41
C PRO E 126 25.01 35.66 30.74
N SER E 127 25.13 36.57 29.78
CA SER E 127 26.02 37.71 29.92
C SER E 127 25.36 38.81 30.73
N GLU E 128 26.16 39.49 31.56
CA GLU E 128 25.66 40.63 32.32
C GLU E 128 25.30 41.81 31.41
N ALA E 129 25.91 41.89 30.22
CA ALA E 129 25.60 42.98 29.31
C ALA E 129 24.24 42.78 28.67
N GLU E 130 23.87 41.54 28.34
CA GLU E 130 22.55 41.28 27.79
C GLU E 130 21.46 41.57 28.82
N ILE E 131 21.72 41.23 30.08
CA ILE E 131 20.73 41.48 31.14
C ILE E 131 20.52 42.97 31.33
N SER E 132 21.58 43.76 31.18
CA SER E 132 21.47 45.20 31.40
C SER E 132 20.94 45.94 30.17
N HIS E 133 21.01 45.34 28.99
CA HIS E 133 20.60 46.00 27.75
C HIS E 133 19.20 45.60 27.30
N THR E 134 18.84 44.33 27.41
CA THR E 134 17.55 43.84 26.96
C THR E 134 16.67 43.31 28.07
N GLN E 135 17.16 43.28 29.31
CA GLN E 135 16.41 42.78 30.47
C GLN E 135 15.99 41.33 30.29
N LYS E 136 16.77 40.56 29.53
CA LYS E 136 16.52 39.15 29.30
C LYS E 136 17.84 38.39 29.36
N ALA E 137 17.77 37.11 29.73
CA ALA E 137 18.94 36.27 29.89
C ALA E 137 18.86 35.08 28.94
N THR E 138 19.96 34.82 28.23
CA THR E 138 20.01 33.73 27.26
C THR E 138 21.05 32.71 27.70
N LEU E 139 20.58 31.49 27.98
CA LEU E 139 21.46 30.38 28.29
C LEU E 139 21.79 29.61 27.02
N VAL E 140 23.05 29.17 26.91
CA VAL E 140 23.54 28.44 25.75
C VAL E 140 24.07 27.10 26.22
N CYS E 141 23.69 26.03 25.52
CA CYS E 141 24.15 24.68 25.81
C CYS E 141 24.91 24.14 24.61
N LEU E 142 26.12 23.63 24.84
CA LEU E 142 26.97 23.09 23.79
C LEU E 142 27.12 21.59 23.99
N ALA E 143 26.89 20.82 22.92
CA ALA E 143 27.11 19.38 22.89
C ALA E 143 28.09 19.09 21.77
N THR E 144 29.30 18.65 22.13
CA THR E 144 30.39 18.53 21.18
C THR E 144 31.00 17.14 21.23
N GLY E 145 31.56 16.72 20.09
CA GLY E 145 32.39 15.53 20.05
C GLY E 145 31.67 14.20 19.96
N PHE E 146 30.49 14.17 19.34
CA PHE E 146 29.71 12.94 19.24
C PHE E 146 29.58 12.51 17.79
N PHE E 147 29.39 11.20 17.61
CA PHE E 147 29.19 10.59 16.30
C PHE E 147 28.51 9.25 16.51
N PRO E 148 27.48 8.90 15.72
CA PRO E 148 26.93 9.74 14.66
C PRO E 148 25.88 10.74 15.17
N ASP E 149 25.10 11.30 14.26
CA ASP E 149 24.07 12.27 14.59
C ASP E 149 22.87 11.54 15.20
N HIS E 150 22.90 11.34 16.52
CA HIS E 150 21.85 10.65 17.25
C HIS E 150 21.76 11.26 18.65
N VAL E 151 21.31 12.51 18.71
CA VAL E 151 21.22 13.25 19.96
C VAL E 151 19.86 13.92 20.05
N GLU E 152 19.29 13.93 21.25
CA GLU E 152 18.03 14.61 21.55
C GLU E 152 18.28 15.57 22.70
N LEU E 153 18.22 16.87 22.42
CA LEU E 153 18.51 17.90 23.41
C LEU E 153 17.22 18.45 24.00
N SER E 154 17.25 18.72 25.31
CA SER E 154 16.08 19.24 26.01
C SER E 154 16.54 20.07 27.20
N TRP E 155 15.74 21.07 27.56
CA TRP E 155 15.99 21.93 28.70
C TRP E 155 15.03 21.57 29.83
N TRP E 156 15.53 21.61 31.06
CA TRP E 156 14.75 21.26 32.24
C TRP E 156 14.91 22.36 33.28
N VAL E 157 13.85 23.13 33.49
CA VAL E 157 13.84 24.22 34.47
C VAL E 157 13.10 23.75 35.71
N ASN E 158 13.82 23.66 36.82
CA ASN E 158 13.26 23.22 38.10
C ASN E 158 12.63 21.84 37.98
N GLY E 159 13.32 20.93 37.28
CA GLY E 159 12.91 19.56 37.19
C GLY E 159 11.78 19.26 36.22
N LYS E 160 11.31 20.25 35.47
CA LYS E 160 10.23 20.05 34.51
C LYS E 160 10.68 20.51 33.13
N GLU E 161 10.43 19.68 32.12
CA GLU E 161 10.88 19.98 30.77
C GLU E 161 10.08 21.15 30.20
N VAL E 162 10.78 22.13 29.66
CA VAL E 162 10.16 23.33 29.11
C VAL E 162 10.34 23.33 27.60
N HIS E 163 9.42 24.05 26.93
CA HIS E 163 9.47 24.15 25.48
C HIS E 163 9.41 25.61 25.04
N SER E 164 8.84 26.48 25.88
CA SER E 164 8.75 27.89 25.55
C SER E 164 10.13 28.55 25.69
N GLY E 165 10.58 29.19 24.61
CA GLY E 165 11.83 29.92 24.65
C GLY E 165 13.07 29.10 24.42
N VAL E 166 12.98 28.00 23.67
CA VAL E 166 14.11 27.14 23.39
C VAL E 166 14.46 27.24 21.91
N CYS E 167 15.76 27.26 21.61
CA CYS E 167 16.24 27.36 20.23
C CYS E 167 17.37 26.36 20.03
N THR E 168 17.04 25.20 19.47
CA THR E 168 18.05 24.21 19.09
C THR E 168 18.29 24.29 17.59
N ASP E 169 19.56 24.17 17.20
CA ASP E 169 19.92 24.22 15.79
C ASP E 169 19.23 23.08 15.05
N PRO E 170 18.65 23.35 13.87
CA PRO E 170 17.97 22.28 13.13
C PRO E 170 18.92 21.21 12.62
N GLN E 171 20.16 21.56 12.30
CA GLN E 171 21.14 20.61 11.80
C GLN E 171 22.43 20.70 12.60
N PRO E 172 23.08 19.56 12.87
CA PRO E 172 24.35 19.59 13.59
C PRO E 172 25.48 20.23 12.79
N LEU E 173 26.68 20.27 13.37
CA LEU E 173 27.81 20.97 12.79
C LEU E 173 29.01 20.04 12.85
N LYS E 174 29.63 19.80 11.71
CA LYS E 174 30.83 18.96 11.67
C LYS E 174 32.01 19.72 12.24
N GLU E 175 32.75 19.08 13.15
CA GLU E 175 33.96 19.70 13.70
C GLU E 175 35.12 19.73 12.71
N GLN E 176 35.02 19.01 11.60
CA GLN E 176 35.99 19.05 10.52
C GLN E 176 35.29 18.61 9.24
N PRO E 177 34.75 19.55 8.45
CA PRO E 177 33.85 19.19 7.36
C PRO E 177 34.52 18.44 6.22
N ALA E 178 35.84 18.38 6.16
CA ALA E 178 36.53 17.67 5.08
C ALA E 178 36.54 16.17 5.27
N LEU E 179 35.95 15.70 6.35
CA LEU E 179 36.01 14.26 6.66
C LEU E 179 34.58 13.72 6.61
N ASN E 180 34.40 12.49 6.15
CA ASN E 180 33.04 11.93 5.94
C ASN E 180 32.51 11.32 7.23
N ASP E 181 33.39 11.10 8.19
CA ASP E 181 32.99 10.49 9.47
C ASP E 181 33.43 11.44 10.58
N SER E 182 33.04 12.70 10.48
CA SER E 182 33.53 13.71 11.43
C SER E 182 32.64 13.81 12.66
N ARG E 183 33.24 14.14 13.79
CA ARG E 183 32.49 14.41 15.01
C ARG E 183 31.59 15.63 14.81
N TYR E 184 30.46 15.63 15.51
CA TYR E 184 29.44 16.67 15.35
C TYR E 184 29.40 17.58 16.57
N ALA E 185 28.74 18.72 16.40
CA ALA E 185 28.54 19.69 17.47
C ALA E 185 27.16 20.32 17.31
N LEU E 186 26.54 20.68 18.44
CA LEU E 186 25.18 21.19 18.44
C LEU E 186 25.04 22.20 19.58
N SER E 187 24.22 23.22 19.35
CA SER E 187 23.99 24.26 20.35
C SER E 187 22.50 24.51 20.52
N SER E 188 22.11 24.87 21.73
CA SER E 188 20.72 25.20 22.05
C SER E 188 20.70 26.45 22.92
N ARG E 189 19.58 27.17 22.86
CA ARG E 189 19.43 28.45 23.52
C ARG E 189 18.11 28.49 24.29
N LEU E 190 18.19 28.70 25.60
CA LEU E 190 17.04 28.98 26.44
C LEU E 190 17.09 30.44 26.86
N ARG E 191 15.99 31.16 26.61
CA ARG E 191 15.93 32.59 26.90
C ARG E 191 14.79 32.85 27.88
N VAL E 192 15.15 33.32 29.08
CA VAL E 192 14.18 33.67 30.12
C VAL E 192 14.37 35.14 30.45
N SER E 193 13.46 35.65 31.28
CA SER E 193 13.55 37.04 31.71
C SER E 193 14.72 37.21 32.69
N ALA E 194 15.16 38.46 32.84
CA ALA E 194 16.26 38.76 33.76
C ALA E 194 15.88 38.43 35.19
N THR E 195 14.61 38.67 35.56
CA THR E 195 14.16 38.37 36.92
C THR E 195 14.20 36.88 37.20
N PHE E 196 13.92 36.05 36.19
CA PHE E 196 13.91 34.61 36.41
C PHE E 196 15.32 34.06 36.63
N TRP E 197 16.28 34.52 35.83
CA TRP E 197 17.66 34.06 36.00
C TRP E 197 18.27 34.55 37.30
N GLN E 198 17.92 35.77 37.73
CA GLN E 198 18.49 36.35 38.94
C GLN E 198 17.91 35.77 40.22
N ASN E 199 17.03 34.77 40.13
CA ASN E 199 16.50 34.11 41.32
C ASN E 199 17.41 32.95 41.69
N PRO E 200 18.09 32.99 42.83
CA PRO E 200 19.03 31.92 43.17
C PRO E 200 18.36 30.59 43.51
N ARG E 201 17.04 30.51 43.35
CA ARG E 201 16.31 29.28 43.61
C ARG E 201 15.89 28.53 42.34
N ASN E 202 16.14 29.10 41.16
CA ASN E 202 15.78 28.44 39.91
C ASN E 202 16.92 27.56 39.43
N HIS E 203 16.58 26.36 38.99
CA HIS E 203 17.55 25.35 38.57
C HIS E 203 17.37 25.08 37.08
N PHE E 204 18.47 25.17 36.33
CA PHE E 204 18.47 24.94 34.90
C PHE E 204 19.39 23.76 34.58
N ARG E 205 18.92 22.86 33.72
CA ARG E 205 19.69 21.68 33.35
C ARG E 205 19.50 21.39 31.87
N CYS E 206 20.61 21.27 31.15
CA CYS E 206 20.61 20.88 29.75
C CYS E 206 20.88 19.38 29.66
N GLN E 207 19.99 18.65 29.02
CA GLN E 207 20.06 17.20 28.93
C GLN E 207 20.13 16.77 27.48
N VAL E 208 21.06 15.86 27.17
CA VAL E 208 21.22 15.31 25.83
C VAL E 208 21.10 13.80 25.90
N GLN E 209 20.22 13.24 25.08
CA GLN E 209 20.01 11.80 24.99
C GLN E 209 20.78 11.28 23.78
N PHE E 210 21.80 10.45 24.03
CA PHE E 210 22.65 9.90 22.98
C PHE E 210 22.33 8.43 22.76
N TYR E 211 22.25 8.04 21.49
CA TYR E 211 22.02 6.65 21.09
C TYR E 211 23.31 6.10 20.50
N GLY E 212 23.80 5.00 21.08
CA GLY E 212 25.07 4.44 20.65
C GLY E 212 25.10 2.93 20.59
N LEU E 213 26.23 2.34 21.01
CA LEU E 213 26.42 0.91 20.90
C LEU E 213 25.55 0.17 21.92
N SER E 214 25.39 -1.13 21.67
CA SER E 214 24.58 -2.01 22.52
C SER E 214 25.44 -3.16 23.03
N GLU E 215 24.77 -4.18 23.58
CA GLU E 215 25.47 -5.31 24.15
C GLU E 215 26.01 -6.26 23.08
N ASN E 216 25.47 -6.22 21.87
CA ASN E 216 25.89 -7.10 20.79
C ASN E 216 27.09 -6.57 20.01
N ASP E 217 27.54 -5.34 20.29
CA ASP E 217 28.68 -4.76 19.60
C ASP E 217 29.95 -5.01 20.40
N GLU E 218 30.91 -5.71 19.81
CA GLU E 218 32.15 -6.06 20.49
C GLU E 218 33.10 -4.86 20.45
N TRP E 219 33.36 -4.27 21.60
CA TRP E 219 34.26 -3.13 21.74
C TRP E 219 35.60 -3.62 22.27
N THR E 220 36.67 -3.34 21.53
CA THR E 220 37.99 -3.90 21.83
C THR E 220 39.03 -2.79 22.02
N GLN E 221 38.67 -1.73 22.74
CA GLN E 221 39.57 -0.60 22.94
C GLN E 221 39.55 -0.16 24.40
N ASP E 222 40.65 0.47 24.82
CA ASP E 222 40.78 0.89 26.21
C ASP E 222 39.81 2.00 26.58
N ARG E 223 39.34 2.77 25.60
CA ARG E 223 38.39 3.83 25.88
C ARG E 223 37.05 3.25 26.35
N ALA E 224 36.32 4.04 27.12
CA ALA E 224 35.01 3.61 27.60
C ALA E 224 34.07 3.37 26.43
N LYS E 225 33.21 2.38 26.57
CA LYS E 225 32.30 2.01 25.50
C LYS E 225 31.23 3.09 25.32
N PRO E 226 31.00 3.59 24.11
CA PRO E 226 30.01 4.66 23.89
C PRO E 226 28.60 4.10 23.69
N VAL E 227 28.00 3.65 24.78
CA VAL E 227 26.66 3.06 24.74
C VAL E 227 25.62 4.17 24.80
N THR E 228 24.35 3.79 24.67
CA THR E 228 23.27 4.77 24.84
C THR E 228 23.25 5.28 26.27
N GLN E 229 23.26 6.61 26.41
CA GLN E 229 23.40 7.24 27.72
C GLN E 229 22.81 8.63 27.65
N ILE E 230 22.95 9.36 28.76
CA ILE E 230 22.49 10.75 28.87
C ILE E 230 23.61 11.57 29.50
N VAL E 231 23.94 12.70 28.87
CA VAL E 231 24.93 13.63 29.39
C VAL E 231 24.23 14.95 29.69
N SER E 232 24.44 15.48 30.90
CA SER E 232 23.74 16.65 31.37
C SER E 232 24.72 17.69 31.91
N ALA E 233 24.27 18.94 31.91
CA ALA E 233 25.01 20.06 32.48
C ALA E 233 24.03 20.99 33.18
N GLU E 234 24.35 21.40 34.41
CA GLU E 234 23.46 22.18 35.24
C GLU E 234 24.02 23.58 35.48
N ALA E 235 23.15 24.45 35.98
CA ALA E 235 23.53 25.81 36.34
C ALA E 235 22.45 26.39 37.25
N TRP E 236 22.87 27.07 38.31
CA TRP E 236 21.96 27.71 39.24
C TRP E 236 21.86 29.20 38.95
N GLY E 237 20.73 29.79 39.32
CA GLY E 237 20.55 31.22 39.11
C GLY E 237 21.44 32.05 40.02
N ARG E 238 21.97 33.14 39.47
CA ARG E 238 22.89 34.02 40.18
C ARG E 238 22.23 35.37 40.39
N ALA E 239 22.35 35.90 41.62
CA ALA E 239 21.75 37.18 41.96
C ALA E 239 22.54 38.34 41.37
#